data_6JOV
#
_entry.id   6JOV
#
_cell.length_a   55.018
_cell.length_b   55.088
_cell.length_c   74.623
_cell.angle_alpha   82.28
_cell.angle_beta   89.61
_cell.angle_gamma   68.49
#
_symmetry.space_group_name_H-M   'P 1'
#
loop_
_entity.id
_entity.type
_entity.pdbx_description
1 polymer 'Fe-Superoxide dismutase'
2 non-polymer 'FE (III) ION'
3 non-polymer 'PENTAETHYLENE GLYCOL'
4 non-polymer 'TRIETHYLENE GLYCOL'
5 non-polymer DI(HYDROXYETHYL)ETHER
6 non-polymer 1,2-ETHANEDIOL
7 non-polymer 'HEXAETHYLENE GLYCOL'
8 water water
#
_entity_poly.entity_id   1
_entity_poly.type   'polypeptide(L)'
_entity_poly.pdbx_seq_one_letter_code
;MGSSHHHHHHSSGLVPRGSHMTHTLPNLPYDIAALEPHISAKTLTFHHGKHHQAYVTNLNNLIQNTELANKTLEEIIHAT
AKNPEKAGIFNNAAQVWNHTFFWNCMKPQGGGQPTGDLKAMIDKTFGSYEAFAADFKQAAITQFGSGWAWLVVERGVLRI
MKTPNADLPMVHGATALLTCDVWEHAYYLDYQNRRPDYVDTFLSHLVNWDFASALLNGS
;
_entity_poly.pdbx_strand_id   A,B,C,D
#
# COMPACT_ATOMS: atom_id res chain seq x y z
N THR A 22 17.83 -22.71 29.56
CA THR A 22 18.90 -21.98 28.91
C THR A 22 18.72 -20.46 28.99
N HIS A 23 17.75 -19.92 28.27
CA HIS A 23 17.51 -18.48 28.31
C HIS A 23 16.74 -18.09 29.56
N THR A 24 17.06 -16.93 30.12
CA THR A 24 16.39 -16.51 31.34
C THR A 24 15.93 -15.07 31.24
N LEU A 25 15.02 -14.72 32.14
CA LEU A 25 14.43 -13.38 32.19
C LEU A 25 15.40 -12.42 32.87
N PRO A 26 15.88 -11.40 32.18
CA PRO A 26 16.81 -10.46 32.83
C PRO A 26 16.10 -9.52 33.79
N ASN A 27 16.85 -9.07 34.79
CA ASN A 27 16.32 -8.11 35.75
C ASN A 27 15.81 -6.86 35.06
N LEU A 28 14.71 -6.32 35.57
CA LEU A 28 14.37 -4.94 35.24
C LEU A 28 15.53 -4.04 35.67
N PRO A 29 15.82 -2.97 34.90
CA PRO A 29 16.92 -2.05 35.24
C PRO A 29 16.58 -1.07 36.36
N TYR A 30 15.40 -1.25 36.99
CA TYR A 30 14.96 -0.35 38.09
C TYR A 30 13.83 -1.02 38.88
N ASP A 31 13.42 -0.38 39.99
CA ASP A 31 12.33 -0.92 40.85
C ASP A 31 11.01 -0.87 40.07
N ILE A 32 10.13 -1.84 40.29
CA ILE A 32 8.85 -1.89 39.58
C ILE A 32 8.04 -0.61 39.76
N ALA A 33 8.30 0.16 40.83
CA ALA A 33 7.59 1.42 41.05
C ALA A 33 8.34 2.63 40.53
N ALA A 34 9.51 2.42 39.91
CA ALA A 34 10.35 3.55 39.56
C ALA A 34 9.77 4.40 38.43
N LEU A 35 8.79 3.89 37.68
CA LEU A 35 8.20 4.63 36.57
C LEU A 35 6.85 5.22 36.93
N GLU A 36 6.42 5.09 38.18
CA GLU A 36 5.19 5.72 38.63
C GLU A 36 5.34 7.24 38.57
N PRO A 37 4.25 7.96 38.29
CA PRO A 37 2.89 7.49 38.02
C PRO A 37 2.62 7.28 36.53
N HIS A 38 3.67 7.28 35.73
CA HIS A 38 3.51 7.18 34.29
C HIS A 38 3.17 5.76 33.84
N ILE A 39 3.81 4.77 34.45
CA ILE A 39 3.49 3.36 34.23
C ILE A 39 3.42 2.73 35.60
N SER A 40 2.31 2.05 35.90
CA SER A 40 2.10 1.61 37.27
C SER A 40 3.00 0.44 37.60
N ALA A 41 3.31 0.30 38.90
CA ALA A 41 3.99 -0.89 39.37
C ALA A 41 3.18 -2.13 39.04
N LYS A 42 1.85 -2.01 39.06
CA LYS A 42 1.01 -3.13 38.68
C LYS A 42 1.25 -3.54 37.23
N THR A 43 1.29 -2.56 36.33
CA THR A 43 1.59 -2.87 34.93
C THR A 43 2.95 -3.54 34.78
N LEU A 44 3.99 -3.00 35.42
CA LEU A 44 5.32 -3.59 35.29
C LEU A 44 5.35 -5.01 35.84
N THR A 45 4.64 -5.29 36.94
CA THR A 45 4.68 -6.64 37.50
C THR A 45 4.10 -7.66 36.53
N PHE A 46 2.97 -7.32 35.88
CA PHE A 46 2.41 -8.21 34.88
C PHE A 46 3.23 -8.20 33.60
N HIS A 47 3.67 -7.01 33.16
CA HIS A 47 4.35 -6.93 31.87
C HIS A 47 5.69 -7.66 31.93
N HIS A 48 6.47 -7.40 32.97
CA HIS A 48 7.77 -8.06 33.09
C HIS A 48 7.63 -9.47 33.66
N GLY A 49 6.93 -9.61 34.79
CA GLY A 49 6.90 -10.88 35.51
C GLY A 49 6.04 -11.97 34.89
N LYS A 50 5.02 -11.59 34.12
CA LYS A 50 4.18 -12.56 33.43
C LYS A 50 4.46 -12.60 31.94
N HIS A 51 4.35 -11.46 31.23
CA HIS A 51 4.47 -11.51 29.76
C HIS A 51 5.89 -11.84 29.33
N HIS A 52 6.84 -11.02 29.77
CA HIS A 52 8.23 -11.26 29.39
C HIS A 52 8.67 -12.65 29.82
N GLN A 53 8.34 -13.04 31.05
CA GLN A 53 8.68 -14.37 31.54
C GLN A 53 8.06 -15.47 30.66
N ALA A 54 6.82 -15.27 30.21
CA ALA A 54 6.18 -16.28 29.38
C ALA A 54 6.89 -16.45 28.04
N TYR A 55 7.33 -15.35 27.44
CA TYR A 55 8.07 -15.45 26.18
C TYR A 55 9.34 -16.28 26.36
N VAL A 56 10.03 -16.10 27.49
CA VAL A 56 11.25 -16.85 27.77
C VAL A 56 10.93 -18.33 27.98
N THR A 57 9.95 -18.62 28.84
CA THR A 57 9.61 -20.02 29.10
C THR A 57 9.07 -20.70 27.84
N ASN A 58 8.27 -19.99 27.04
CA ASN A 58 7.80 -20.57 25.80
C ASN A 58 8.97 -20.86 24.86
N LEU A 59 9.91 -19.92 24.75
CA LEU A 59 11.03 -20.14 23.84
C LEU A 59 11.82 -21.37 24.25
N ASN A 60 12.16 -21.48 25.55
CA ASN A 60 12.91 -22.64 26.05
C ASN A 60 12.20 -23.95 25.71
N ASN A 61 10.89 -24.00 25.93
CA ASN A 61 10.17 -25.24 25.67
C ASN A 61 10.07 -25.57 24.19
N LEU A 62 10.03 -24.55 23.33
CA LEU A 62 9.87 -24.80 21.90
C LEU A 62 11.16 -25.26 21.24
N ILE A 63 12.33 -24.87 21.75
CA ILE A 63 13.59 -25.20 21.10
C ILE A 63 14.20 -26.46 21.67
N GLN A 64 13.69 -26.97 22.80
CA GLN A 64 14.24 -28.17 23.41
C GLN A 64 14.28 -29.33 22.41
N ASN A 65 15.44 -30.00 22.35
CA ASN A 65 15.66 -31.13 21.44
C ASN A 65 15.58 -30.73 19.98
N THR A 66 15.73 -29.45 19.67
CA THR A 66 15.83 -28.98 18.30
C THR A 66 17.23 -28.47 18.03
N GLU A 67 17.54 -28.30 16.74
CA GLU A 67 18.78 -27.69 16.30
C GLU A 67 18.96 -26.29 16.85
N LEU A 68 17.88 -25.61 17.22
CA LEU A 68 18.02 -24.24 17.70
C LEU A 68 18.41 -24.17 19.17
N ALA A 69 18.45 -25.30 19.87
CA ALA A 69 18.68 -25.26 21.31
C ALA A 69 20.07 -24.70 21.65
N ASN A 70 21.03 -24.81 20.76
CA ASN A 70 22.39 -24.39 21.09
C ASN A 70 22.74 -22.99 20.56
N LYS A 71 21.75 -22.24 20.08
CA LYS A 71 22.03 -20.96 19.44
C LYS A 71 21.60 -19.82 20.34
N THR A 72 22.17 -18.63 20.07
CA THR A 72 21.77 -17.45 20.83
C THR A 72 20.41 -16.94 20.38
N LEU A 73 19.78 -16.16 21.25
CA LEU A 73 18.51 -15.53 20.94
C LEU A 73 18.54 -14.83 19.59
N GLU A 74 19.58 -14.00 19.36
CA GLU A 74 19.67 -13.29 18.10
C GLU A 74 19.84 -14.26 16.92
N GLU A 75 20.64 -15.31 17.10
CA GLU A 75 20.77 -16.30 16.04
C GLU A 75 19.42 -16.95 15.75
N ILE A 76 18.64 -17.23 16.79
CA ILE A 76 17.33 -17.87 16.58
C ILE A 76 16.40 -16.92 15.84
N ILE A 77 16.38 -15.65 16.22
CA ILE A 77 15.52 -14.69 15.55
C ILE A 77 15.83 -14.64 14.06
N HIS A 78 17.11 -14.50 13.70
CA HIS A 78 17.45 -14.37 12.28
C HIS A 78 17.15 -15.64 11.51
N ALA A 79 17.42 -16.81 12.10
CA ALA A 79 17.17 -18.07 11.39
C ALA A 79 15.68 -18.29 11.14
N THR A 80 14.84 -18.03 12.13
CA THR A 80 13.42 -18.28 11.97
C THR A 80 12.70 -17.15 11.25
N ALA A 81 13.29 -15.95 11.18
CA ALA A 81 12.63 -14.84 10.51
C ALA A 81 12.41 -15.12 9.03
N LYS A 82 13.23 -15.98 8.43
CA LYS A 82 13.09 -16.29 7.01
C LYS A 82 11.93 -17.27 6.78
N ASN A 83 11.02 -17.39 7.75
CA ASN A 83 10.06 -18.47 7.70
C ASN A 83 8.70 -18.15 8.33
N PRO A 84 7.60 -18.60 7.71
CA PRO A 84 6.31 -18.63 8.41
C PRO A 84 5.97 -19.94 9.11
N GLU A 85 6.76 -21.00 8.95
CA GLU A 85 6.41 -22.34 9.44
C GLU A 85 6.90 -22.62 10.86
N LYS A 86 7.92 -21.90 11.34
CA LYS A 86 8.36 -22.00 12.72
C LYS A 86 8.06 -20.70 13.45
N ALA A 87 6.79 -20.30 13.46
CA ALA A 87 6.42 -18.94 13.85
C ALA A 87 6.27 -18.79 15.36
N GLY A 88 5.88 -19.84 16.09
CA GLY A 88 5.91 -19.77 17.54
C GLY A 88 7.30 -19.53 18.08
N ILE A 89 8.33 -20.07 17.42
CA ILE A 89 9.70 -19.85 17.89
C ILE A 89 10.11 -18.41 17.59
N PHE A 90 9.85 -17.94 16.37
CA PHE A 90 10.17 -16.55 16.06
C PHE A 90 9.42 -15.61 16.99
N ASN A 91 8.11 -15.81 17.14
CA ASN A 91 7.31 -14.82 17.85
C ASN A 91 7.78 -14.68 19.29
N ASN A 92 8.07 -15.80 19.95
CA ASN A 92 8.52 -15.75 21.33
C ASN A 92 9.94 -15.24 21.45
N ALA A 93 10.85 -15.67 20.56
CA ALA A 93 12.22 -15.18 20.63
C ALA A 93 12.27 -13.67 20.38
N ALA A 94 11.58 -13.21 19.34
CA ALA A 94 11.60 -11.76 19.06
C ALA A 94 10.98 -10.98 20.22
N GLN A 95 9.88 -11.48 20.78
CA GLN A 95 9.31 -10.82 21.95
C GLN A 95 10.25 -10.82 23.16
N VAL A 96 11.07 -11.86 23.34
CA VAL A 96 12.03 -11.79 24.44
C VAL A 96 12.97 -10.61 24.21
N TRP A 97 13.45 -10.48 22.97
CA TRP A 97 14.40 -9.43 22.61
C TRP A 97 13.75 -8.06 22.72
N ASN A 98 12.54 -7.93 22.16
CA ASN A 98 11.85 -6.65 22.13
C ASN A 98 11.63 -6.11 23.54
N HIS A 99 11.21 -6.97 24.46
CA HIS A 99 10.93 -6.48 25.80
C HIS A 99 12.19 -6.08 26.56
N THR A 100 13.25 -6.89 26.47
CA THR A 100 14.49 -6.48 27.15
C THR A 100 14.91 -5.11 26.68
N PHE A 101 14.87 -4.90 25.35
CA PHE A 101 15.23 -3.62 24.74
C PHE A 101 14.33 -2.49 25.24
N PHE A 102 13.02 -2.75 25.31
CA PHE A 102 12.05 -1.77 25.77
C PHE A 102 12.33 -1.31 27.19
N TRP A 103 12.62 -2.24 28.11
CA TRP A 103 12.88 -1.81 29.49
C TRP A 103 14.06 -0.86 29.54
N ASN A 104 15.05 -1.07 28.68
CA ASN A 104 16.23 -0.23 28.68
C ASN A 104 16.01 1.08 27.92
N CYS A 105 14.90 1.21 27.18
CA CYS A 105 14.51 2.45 26.52
C CYS A 105 13.88 3.46 27.47
N MET A 106 13.58 3.06 28.70
CA MET A 106 12.96 3.93 29.67
C MET A 106 13.84 4.07 30.89
N LYS A 107 13.53 5.21 31.69
CA LYS A 107 14.22 5.27 32.97
C LYS A 107 13.37 6.10 33.92
N PRO A 108 13.58 6.11 35.23
CA PRO A 108 12.91 7.08 36.03
C PRO A 108 13.48 8.46 35.66
N GLN A 109 12.63 9.48 35.64
CA GLN A 109 13.09 10.86 35.32
C GLN A 109 13.74 10.89 33.93
N GLY A 110 13.07 10.27 32.97
CA GLY A 110 13.48 10.28 31.57
C GLY A 110 12.74 11.38 30.83
N GLY A 111 12.65 11.26 29.52
CA GLY A 111 11.96 12.26 28.74
C GLY A 111 12.91 13.36 28.33
N GLY A 112 12.37 14.56 28.08
CA GLY A 112 13.24 15.60 27.59
C GLY A 112 13.57 15.34 26.12
N GLN A 113 14.76 15.78 25.73
CA GLN A 113 15.20 15.68 24.36
C GLN A 113 16.63 15.15 24.32
N PRO A 114 17.05 14.57 23.21
CA PRO A 114 18.43 14.11 23.09
C PRO A 114 19.36 15.29 22.82
N THR A 115 20.65 15.04 22.98
CA THR A 115 21.65 16.07 22.78
C THR A 115 22.78 15.52 21.93
N GLY A 116 23.55 16.43 21.35
CA GLY A 116 24.76 16.01 20.66
C GLY A 116 24.44 15.25 19.39
N ASP A 117 25.10 14.10 19.24
CA ASP A 117 25.09 13.33 17.99
C ASP A 117 23.66 12.99 17.57
N LEU A 118 22.85 12.52 18.50
CA LEU A 118 21.52 12.05 18.16
C LEU A 118 20.58 13.22 17.87
N LYS A 119 20.66 14.28 18.68
CA LYS A 119 19.86 15.47 18.40
C LYS A 119 20.19 16.04 17.03
N ALA A 120 21.48 16.07 16.69
CA ALA A 120 21.87 16.63 15.41
C ALA A 120 21.27 15.83 14.25
N MET A 121 21.32 14.50 14.34
CA MET A 121 20.77 13.69 13.28
C MET A 121 19.26 13.79 13.19
N ILE A 122 18.57 13.95 14.32
CA ILE A 122 17.12 14.09 14.27
C ILE A 122 16.73 15.41 13.62
N ASP A 123 17.43 16.49 13.99
CA ASP A 123 17.21 17.79 13.35
C ASP A 123 17.48 17.73 11.85
N LYS A 124 18.62 17.16 11.43
CA LYS A 124 18.90 17.08 10.01
C LYS A 124 17.90 16.20 9.28
N THR A 125 17.38 15.17 9.96
CA THR A 125 16.52 14.20 9.29
C THR A 125 15.06 14.64 9.31
N PHE A 126 14.56 15.00 10.49
CA PHE A 126 13.15 15.34 10.65
C PHE A 126 12.90 16.84 10.66
N GLY A 127 13.95 17.64 10.83
CA GLY A 127 13.83 19.08 10.91
C GLY A 127 13.88 19.60 12.33
N SER A 128 13.46 18.79 13.30
CA SER A 128 13.37 19.20 14.69
C SER A 128 12.95 17.99 15.51
N TYR A 129 13.16 18.09 16.81
CA TYR A 129 12.68 17.05 17.72
C TYR A 129 11.16 16.94 17.66
N GLU A 130 10.48 18.07 17.57
CA GLU A 130 9.03 18.03 17.61
C GLU A 130 8.47 17.29 16.40
N ALA A 131 9.07 17.48 15.22
CA ALA A 131 8.68 16.69 14.07
C ALA A 131 8.95 15.21 14.32
N PHE A 132 10.09 14.89 14.93
CA PHE A 132 10.36 13.51 15.30
C PHE A 132 9.26 12.94 16.17
N ALA A 133 8.93 13.65 17.27
CA ALA A 133 7.99 13.12 18.24
C ALA A 133 6.61 12.96 17.62
N ALA A 134 6.22 13.86 16.72
CA ALA A 134 4.95 13.72 16.04
C ALA A 134 4.94 12.48 15.14
N ASP A 135 6.02 12.29 14.39
CA ASP A 135 6.10 11.12 13.51
C ASP A 135 6.14 9.83 14.32
N PHE A 136 6.86 9.84 15.44
CA PHE A 136 6.91 8.65 16.29
C PHE A 136 5.54 8.34 16.87
N LYS A 137 4.89 9.36 17.43
CA LYS A 137 3.50 9.25 17.90
C LYS A 137 2.58 8.66 16.83
N GLN A 138 2.65 9.21 15.61
CA GLN A 138 1.76 8.78 14.55
C GLN A 138 1.97 7.31 14.21
N ALA A 139 3.22 6.85 14.16
CA ALA A 139 3.49 5.44 13.93
C ALA A 139 2.93 4.58 15.06
N ALA A 140 3.09 5.04 16.30
CA ALA A 140 2.61 4.27 17.44
C ALA A 140 1.09 4.14 17.41
N ILE A 141 0.38 5.20 17.02
CA ILE A 141 -1.07 5.13 17.09
C ILE A 141 -1.70 4.52 15.84
N THR A 142 -1.01 4.57 14.69
CA THR A 142 -1.58 3.98 13.49
C THR A 142 -1.20 2.51 13.30
N GLN A 143 -0.41 1.93 14.21
CA GLN A 143 -0.17 0.50 14.20
C GLN A 143 -1.44 -0.20 14.66
N PHE A 144 -2.10 -0.90 13.73
CA PHE A 144 -3.36 -1.56 14.05
C PHE A 144 -3.07 -2.89 14.73
N GLY A 145 -3.77 -3.16 15.84
CA GLY A 145 -3.52 -4.35 16.63
C GLY A 145 -2.28 -4.22 17.50
N SER A 146 -1.66 -5.36 17.82
CA SER A 146 -0.45 -5.38 18.63
C SER A 146 0.74 -4.97 17.78
N GLY A 147 1.76 -4.39 18.42
CA GLY A 147 2.95 -4.06 17.67
C GLY A 147 3.87 -3.13 18.42
N TRP A 148 4.82 -2.58 17.68
CA TRP A 148 5.88 -1.76 18.26
C TRP A 148 6.15 -0.56 17.35
N ALA A 149 6.53 0.56 17.97
CA ALA A 149 6.97 1.76 17.27
C ALA A 149 8.46 1.93 17.55
N TRP A 150 9.23 2.21 16.50
CA TRP A 150 10.69 2.27 16.64
C TRP A 150 11.26 3.55 16.06
N LEU A 151 12.40 3.95 16.61
CA LEU A 151 13.37 4.80 15.92
C LEU A 151 14.53 3.90 15.55
N VAL A 152 14.86 3.85 14.27
CA VAL A 152 15.89 2.97 13.77
C VAL A 152 16.92 3.79 13.00
N VAL A 153 18.09 3.20 12.80
CA VAL A 153 19.08 3.75 11.89
C VAL A 153 19.47 2.64 10.92
N GLU A 154 19.52 2.96 9.64
CA GLU A 154 19.95 2.04 8.61
C GLU A 154 20.85 2.79 7.65
N ARG A 155 22.11 2.35 7.54
CA ARG A 155 23.08 2.95 6.64
C ARG A 155 23.24 4.45 6.92
N GLY A 156 23.31 4.81 8.20
CA GLY A 156 23.50 6.18 8.61
C GLY A 156 22.27 7.05 8.55
N VAL A 157 21.14 6.56 8.05
CA VAL A 157 19.91 7.32 7.92
C VAL A 157 18.94 6.93 9.04
N LEU A 158 18.40 7.93 9.72
CA LEU A 158 17.35 7.72 10.71
C LEU A 158 15.99 7.62 10.06
N ARG A 159 15.13 6.79 10.65
CA ARG A 159 13.72 6.82 10.27
C ARG A 159 12.90 6.15 11.37
N ILE A 160 11.60 6.38 11.29
CA ILE A 160 10.62 5.79 12.21
C ILE A 160 10.09 4.52 11.57
N MET A 161 9.88 3.50 12.39
CA MET A 161 9.35 2.23 11.93
C MET A 161 8.24 1.80 12.88
N LYS A 162 7.20 1.19 12.33
CA LYS A 162 6.21 0.48 13.13
C LYS A 162 6.16 -0.97 12.65
N THR A 163 6.13 -1.90 13.61
CA THR A 163 6.06 -3.31 13.26
C THR A 163 4.85 -3.94 13.93
N PRO A 164 4.20 -4.91 13.29
CA PRO A 164 3.13 -5.65 13.96
C PRO A 164 3.66 -6.82 14.78
N ASN A 165 2.90 -7.12 15.84
CA ASN A 165 3.13 -8.27 16.73
C ASN A 165 4.56 -8.36 17.25
N ALA A 166 5.32 -9.38 16.83
CA ALA A 166 6.69 -9.57 17.33
C ALA A 166 7.77 -9.03 16.41
N ASP A 167 7.38 -8.54 15.23
CA ASP A 167 8.35 -8.10 14.23
C ASP A 167 9.20 -6.96 14.79
N LEU A 168 10.40 -6.84 14.25
CA LEU A 168 11.42 -5.98 14.86
C LEU A 168 12.39 -5.53 13.78
N PRO A 169 13.14 -4.44 14.01
CA PRO A 169 13.93 -3.85 12.92
C PRO A 169 15.06 -4.72 12.42
N MET A 170 15.71 -5.51 13.27
CA MET A 170 16.92 -6.23 12.86
C MET A 170 16.66 -7.17 11.69
N VAL A 171 15.46 -7.76 11.61
CA VAL A 171 15.19 -8.65 10.47
C VAL A 171 14.85 -7.87 9.21
N HIS A 172 14.77 -6.55 9.29
CA HIS A 172 14.58 -5.72 8.11
C HIS A 172 15.86 -5.00 7.73
N GLY A 173 16.98 -5.34 8.34
CA GLY A 173 18.25 -4.73 8.04
C GLY A 173 18.54 -3.43 8.74
N ALA A 174 17.74 -3.06 9.74
CA ALA A 174 17.91 -1.80 10.44
C ALA A 174 18.28 -2.06 11.90
N THR A 175 18.91 -1.04 12.50
CA THR A 175 19.33 -1.10 13.90
C THR A 175 18.35 -0.30 14.75
N ALA A 176 17.72 -0.97 15.70
CA ALA A 176 16.81 -0.26 16.60
C ALA A 176 17.58 0.65 17.53
N LEU A 177 17.05 1.84 17.76
CA LEU A 177 17.59 2.78 18.73
C LEU A 177 16.66 3.01 19.90
N LEU A 178 15.36 2.90 19.66
CA LEU A 178 14.32 3.20 20.64
C LEU A 178 13.07 2.42 20.23
N THR A 179 12.29 2.00 21.21
CA THR A 179 11.01 1.39 20.90
C THR A 179 10.01 1.76 21.96
N CYS A 180 8.73 1.75 21.56
CA CYS A 180 7.62 1.85 22.48
C CYS A 180 6.69 0.69 22.18
N ASP A 181 6.45 -0.16 23.19
CA ASP A 181 5.53 -1.28 23.10
C ASP A 181 4.10 -0.77 22.96
N VAL A 182 3.41 -1.15 21.90
CA VAL A 182 2.01 -0.74 21.81
C VAL A 182 1.05 -1.95 21.78
N TRP A 183 1.52 -3.12 22.18
CA TRP A 183 0.60 -4.16 22.59
C TRP A 183 -0.25 -3.59 23.72
N GLU A 184 -1.53 -3.95 23.73
CA GLU A 184 -2.46 -3.36 24.69
C GLU A 184 -2.08 -3.67 26.13
N HIS A 185 -1.47 -4.83 26.39
CA HIS A 185 -1.02 -5.10 27.76
C HIS A 185 0.00 -4.07 28.25
N ALA A 186 0.71 -3.38 27.35
CA ALA A 186 1.70 -2.41 27.80
C ALA A 186 1.06 -1.24 28.54
N TYR A 187 -0.19 -0.91 28.23
CA TYR A 187 -0.79 0.33 28.76
C TYR A 187 -2.22 0.23 29.26
N TYR A 188 -2.90 -0.90 29.08
CA TYR A 188 -4.35 -0.91 29.26
C TYR A 188 -4.75 -0.71 30.72
N LEU A 189 -3.98 -1.26 31.67
CA LEU A 189 -4.29 -1.07 33.08
C LEU A 189 -4.22 0.41 33.50
N ASP A 190 -3.33 1.17 32.88
CA ASP A 190 -3.11 2.56 33.25
C ASP A 190 -3.82 3.55 32.35
N TYR A 191 -3.99 3.21 31.06
CA TYR A 191 -4.57 4.14 30.10
C TYR A 191 -5.80 3.62 29.38
N GLN A 192 -6.18 2.35 29.58
CA GLN A 192 -7.29 1.72 28.84
C GLN A 192 -7.06 1.94 27.34
N ASN A 193 -8.05 2.42 26.60
CA ASN A 193 -7.93 2.64 25.16
C ASN A 193 -7.04 3.81 24.78
N ARG A 194 -6.56 4.60 25.75
CA ARG A 194 -5.89 5.86 25.42
C ARG A 194 -4.40 5.64 25.10
N ARG A 195 -4.17 4.87 24.04
CA ARG A 195 -2.82 4.75 23.51
C ARG A 195 -2.14 6.09 23.23
N PRO A 196 -2.79 7.08 22.61
CA PRO A 196 -2.08 8.35 22.36
C PRO A 196 -1.51 8.98 23.61
N ASP A 197 -2.28 8.98 24.71
CA ASP A 197 -1.78 9.54 25.96
C ASP A 197 -0.60 8.74 26.51
N TYR A 198 -0.67 7.41 26.41
CA TYR A 198 0.44 6.57 26.85
C TYR A 198 1.71 6.91 26.10
N VAL A 199 1.64 6.97 24.77
CA VAL A 199 2.82 7.29 23.97
C VAL A 199 3.32 8.69 24.27
N ASP A 200 2.39 9.64 24.46
CA ASP A 200 2.77 10.99 24.87
C ASP A 200 3.55 10.96 26.18
N THR A 201 3.12 10.11 27.11
CA THR A 201 3.78 10.03 28.40
C THR A 201 5.15 9.37 28.27
N PHE A 202 5.25 8.34 27.43
CA PHE A 202 6.54 7.73 27.14
C PHE A 202 7.54 8.76 26.63
N LEU A 203 7.12 9.58 25.67
CA LEU A 203 8.04 10.57 25.12
C LEU A 203 8.34 11.66 26.15
N SER A 204 7.35 12.03 26.96
CA SER A 204 7.49 13.18 27.85
C SER A 204 8.27 12.86 29.11
N HIS A 205 8.17 11.64 29.62
CA HIS A 205 8.61 11.35 30.97
C HIS A 205 9.49 10.12 31.12
N LEU A 206 9.53 9.21 30.14
CA LEU A 206 10.20 7.94 30.37
C LEU A 206 11.35 7.64 29.42
N VAL A 207 11.37 8.20 28.22
CA VAL A 207 12.37 7.80 27.24
C VAL A 207 13.77 8.07 27.77
N ASN A 208 14.68 7.12 27.55
CA ASN A 208 16.08 7.20 27.99
C ASN A 208 16.90 7.52 26.75
N TRP A 209 17.15 8.81 26.53
CA TRP A 209 17.86 9.23 25.33
C TRP A 209 19.32 8.82 25.36
N ASP A 210 19.90 8.67 26.54
CA ASP A 210 21.28 8.21 26.66
C ASP A 210 21.44 6.83 26.05
N PHE A 211 20.43 5.99 26.21
CA PHE A 211 20.45 4.65 25.61
C PHE A 211 20.48 4.74 24.10
N ALA A 212 19.62 5.55 23.52
CA ALA A 212 19.52 5.61 22.06
C ALA A 212 20.76 6.26 21.45
N SER A 213 21.37 7.22 22.13
CA SER A 213 22.54 7.87 21.56
C SER A 213 23.75 6.93 21.59
N ALA A 214 23.88 6.11 22.63
CA ALA A 214 24.93 5.09 22.64
C ALA A 214 24.74 4.10 21.50
N LEU A 215 23.50 3.66 21.27
CA LEU A 215 23.23 2.70 20.21
C LEU A 215 23.51 3.28 18.83
N LEU A 216 23.28 4.58 18.64
CA LEU A 216 23.61 5.21 17.37
C LEU A 216 25.08 5.01 17.02
N ASN A 217 25.94 5.05 18.04
CA ASN A 217 27.37 4.83 17.88
C ASN A 217 27.81 3.41 18.19
N GLY A 218 26.88 2.47 18.31
CA GLY A 218 27.21 1.10 18.64
C GLY A 218 27.58 0.25 17.45
N THR B 22 -24.30 8.14 9.94
CA THR B 22 -24.27 7.17 8.84
C THR B 22 -24.31 5.74 9.38
N HIS B 23 -23.32 5.39 10.19
CA HIS B 23 -23.34 4.14 10.93
C HIS B 23 -23.36 4.46 12.42
N THR B 24 -24.13 3.70 13.18
CA THR B 24 -24.34 3.98 14.59
C THR B 24 -23.97 2.78 15.44
N LEU B 25 -23.48 3.06 16.64
CA LEU B 25 -23.21 2.03 17.63
C LEU B 25 -24.51 1.40 18.12
N PRO B 26 -24.70 0.10 17.98
CA PRO B 26 -25.90 -0.51 18.56
C PRO B 26 -25.72 -0.65 20.06
N ASN B 27 -26.84 -0.51 20.77
CA ASN B 27 -26.83 -0.70 22.21
C ASN B 27 -26.43 -2.13 22.54
N LEU B 28 -25.82 -2.30 23.71
CA LEU B 28 -25.62 -3.64 24.24
C LEU B 28 -26.98 -4.33 24.43
N PRO B 29 -27.05 -5.67 24.24
CA PRO B 29 -28.30 -6.41 24.40
C PRO B 29 -28.61 -6.75 25.87
N TYR B 30 -27.92 -6.08 26.80
CA TYR B 30 -28.13 -6.33 28.25
C TYR B 30 -27.52 -5.18 29.06
N ASP B 31 -27.69 -5.23 30.39
CA ASP B 31 -27.16 -4.17 31.29
C ASP B 31 -25.62 -4.22 31.25
N ILE B 32 -24.96 -3.06 31.36
CA ILE B 32 -23.51 -3.00 31.32
C ILE B 32 -22.87 -3.86 32.42
N ALA B 33 -23.60 -4.14 33.49
CA ALA B 33 -23.10 -4.96 34.58
C ALA B 33 -23.67 -6.38 34.58
N ALA B 34 -24.40 -6.77 33.52
CA ALA B 34 -25.10 -8.05 33.52
C ALA B 34 -24.19 -9.25 33.32
N LEU B 35 -22.92 -9.05 32.92
CA LEU B 35 -21.98 -10.15 32.77
C LEU B 35 -21.03 -10.28 33.97
N GLU B 36 -21.19 -9.46 35.00
CA GLU B 36 -20.33 -9.57 36.17
C GLU B 36 -20.61 -10.88 36.92
N PRO B 37 -19.58 -11.48 37.55
CA PRO B 37 -18.19 -11.02 37.63
C PRO B 37 -17.34 -11.49 36.45
N HIS B 38 -17.98 -12.13 35.47
CA HIS B 38 -17.23 -12.82 34.41
C HIS B 38 -16.55 -11.84 33.46
N ILE B 39 -17.30 -10.83 33.00
CA ILE B 39 -16.73 -9.67 32.33
C ILE B 39 -17.26 -8.45 33.07
N SER B 40 -16.36 -7.58 33.52
CA SER B 40 -16.77 -6.52 34.42
C SER B 40 -17.48 -5.41 33.65
N ALA B 41 -18.26 -4.62 34.40
CA ALA B 41 -18.87 -3.42 33.81
C ALA B 41 -17.79 -2.44 33.35
N LYS B 42 -16.68 -2.36 34.08
CA LYS B 42 -15.58 -1.49 33.68
C LYS B 42 -15.06 -1.89 32.30
N THR B 43 -14.81 -3.19 32.10
CA THR B 43 -14.42 -3.67 30.77
C THR B 43 -15.43 -3.27 29.71
N LEU B 44 -16.73 -3.58 29.92
CA LEU B 44 -17.71 -3.30 28.87
C LEU B 44 -17.80 -1.82 28.57
N THR B 45 -17.62 -0.98 29.60
CA THR B 45 -17.64 0.47 29.40
C THR B 45 -16.60 0.91 28.38
N PHE B 46 -15.36 0.44 28.54
CA PHE B 46 -14.32 0.81 27.58
C PHE B 46 -14.45 0.01 26.28
N HIS B 47 -14.86 -1.26 26.37
CA HIS B 47 -14.90 -2.09 25.17
C HIS B 47 -16.01 -1.66 24.22
N HIS B 48 -17.23 -1.46 24.75
CA HIS B 48 -18.35 -0.98 23.95
C HIS B 48 -18.29 0.53 23.73
N GLY B 49 -18.14 1.31 24.81
CA GLY B 49 -18.28 2.76 24.70
C GLY B 49 -17.09 3.49 24.12
N LYS B 50 -15.91 2.87 24.10
CA LYS B 50 -14.73 3.47 23.50
C LYS B 50 -14.26 2.72 22.27
N HIS B 51 -13.92 1.43 22.38
CA HIS B 51 -13.37 0.69 21.26
C HIS B 51 -14.38 0.55 20.13
N HIS B 52 -15.56 -0.02 20.43
CA HIS B 52 -16.58 -0.21 19.40
C HIS B 52 -17.06 1.12 18.86
N GLN B 53 -17.24 2.12 19.74
CA GLN B 53 -17.56 3.47 19.28
C GLN B 53 -16.49 4.01 18.32
N ALA B 54 -15.22 3.80 18.64
CA ALA B 54 -14.16 4.38 17.82
C ALA B 54 -14.13 3.76 16.43
N TYR B 55 -14.39 2.44 16.33
CA TYR B 55 -14.44 1.80 15.01
C TYR B 55 -15.58 2.34 14.17
N VAL B 56 -16.71 2.67 14.82
CA VAL B 56 -17.85 3.22 14.10
C VAL B 56 -17.53 4.62 13.59
N THR B 57 -16.97 5.46 14.47
CA THR B 57 -16.64 6.82 14.09
C THR B 57 -15.51 6.86 13.06
N ASN B 58 -14.52 5.97 13.22
CA ASN B 58 -13.47 5.87 12.20
C ASN B 58 -14.04 5.47 10.86
N LEU B 59 -14.97 4.50 10.85
CA LEU B 59 -15.55 4.06 9.59
C LEU B 59 -16.30 5.20 8.90
N ASN B 60 -17.12 5.94 9.65
CA ASN B 60 -17.91 7.03 9.07
C ASN B 60 -17.00 8.08 8.43
N ASN B 61 -15.92 8.45 9.12
CA ASN B 61 -14.99 9.45 8.61
C ASN B 61 -14.23 8.95 7.38
N LEU B 62 -13.95 7.65 7.31
CA LEU B 62 -13.18 7.13 6.18
C LEU B 62 -14.02 6.97 4.93
N ILE B 63 -15.33 6.78 5.07
CA ILE B 63 -16.16 6.57 3.89
C ILE B 63 -16.92 7.82 3.45
N GLN B 64 -16.89 8.89 4.24
CA GLN B 64 -17.59 10.11 3.89
C GLN B 64 -17.15 10.63 2.50
N ASN B 65 -18.13 11.03 1.69
CA ASN B 65 -17.93 11.48 0.31
C ASN B 65 -17.32 10.40 -0.56
N THR B 66 -17.50 9.12 -0.21
CA THR B 66 -17.07 8.02 -1.05
C THR B 66 -18.28 7.18 -1.42
N GLU B 67 -18.12 6.37 -2.47
CA GLU B 67 -19.17 5.44 -2.85
C GLU B 67 -19.44 4.42 -1.75
N LEU B 68 -18.48 4.20 -0.85
CA LEU B 68 -18.72 3.30 0.27
C LEU B 68 -19.75 3.85 1.23
N ALA B 69 -19.90 5.18 1.28
CA ALA B 69 -20.94 5.78 2.11
C ALA B 69 -22.33 5.26 1.76
N ASN B 70 -22.51 4.72 0.56
CA ASN B 70 -23.82 4.26 0.11
C ASN B 70 -24.02 2.76 0.26
N LYS B 71 -23.12 2.06 0.96
CA LYS B 71 -23.20 0.62 1.09
C LYS B 71 -23.38 0.18 2.55
N THR B 72 -23.80 -1.06 2.72
CA THR B 72 -23.92 -1.65 4.05
C THR B 72 -22.54 -2.03 4.59
N LEU B 73 -22.50 -2.19 5.92
CA LEU B 73 -21.29 -2.68 6.60
C LEU B 73 -20.71 -3.92 5.93
N GLU B 74 -21.57 -4.90 5.66
CA GLU B 74 -21.10 -6.14 5.05
C GLU B 74 -20.58 -5.93 3.63
N GLU B 75 -21.24 -5.06 2.87
CA GLU B 75 -20.76 -4.73 1.53
C GLU B 75 -19.44 -3.95 1.58
N ILE B 76 -19.27 -3.11 2.60
CA ILE B 76 -17.97 -2.43 2.75
C ILE B 76 -16.88 -3.45 2.99
N ILE B 77 -17.14 -4.39 3.88
CA ILE B 77 -16.14 -5.41 4.19
C ILE B 77 -15.75 -6.17 2.93
N HIS B 78 -16.74 -6.52 2.10
CA HIS B 78 -16.43 -7.28 0.90
C HIS B 78 -15.75 -6.42 -0.15
N ALA B 79 -16.10 -5.13 -0.22
CA ALA B 79 -15.48 -4.26 -1.21
C ALA B 79 -14.04 -3.87 -0.86
N THR B 80 -13.60 -4.06 0.39
CA THR B 80 -12.26 -3.63 0.78
C THR B 80 -11.35 -4.78 1.21
N ALA B 81 -11.85 -6.02 1.23
CA ALA B 81 -11.03 -7.12 1.70
C ALA B 81 -9.85 -7.40 0.76
N LYS B 82 -9.98 -7.06 -0.52
CA LYS B 82 -8.98 -7.42 -1.52
C LYS B 82 -7.92 -6.36 -1.75
N ASN B 83 -8.14 -5.13 -1.29
CA ASN B 83 -7.28 -4.00 -1.68
C ASN B 83 -6.51 -3.49 -0.48
N PRO B 84 -5.22 -3.83 -0.35
CA PRO B 84 -4.46 -3.41 0.85
C PRO B 84 -4.42 -1.91 1.03
N GLU B 85 -4.53 -1.15 -0.07
CA GLU B 85 -4.59 0.30 0.01
C GLU B 85 -5.74 0.76 0.91
N LYS B 86 -6.80 -0.05 1.02
CA LYS B 86 -7.99 0.33 1.77
C LYS B 86 -8.09 -0.46 3.08
N ALA B 87 -6.96 -0.92 3.61
CA ALA B 87 -6.98 -1.73 4.82
C ALA B 87 -7.52 -0.97 6.02
N GLY B 88 -7.34 0.36 6.04
CA GLY B 88 -7.90 1.13 7.13
C GLY B 88 -9.41 1.07 7.17
N ILE B 89 -10.06 1.09 6.00
CA ILE B 89 -11.50 0.97 5.95
C ILE B 89 -11.91 -0.45 6.31
N PHE B 90 -11.24 -1.45 5.74
CA PHE B 90 -11.58 -2.83 6.07
C PHE B 90 -11.46 -3.09 7.57
N ASN B 91 -10.40 -2.59 8.19
CA ASN B 91 -10.16 -2.92 9.58
C ASN B 91 -11.22 -2.31 10.49
N ASN B 92 -11.63 -1.08 10.19
CA ASN B 92 -12.66 -0.46 11.01
C ASN B 92 -14.04 -1.07 10.74
N ALA B 93 -14.36 -1.32 9.47
CA ALA B 93 -15.65 -1.93 9.12
C ALA B 93 -15.78 -3.32 9.74
N ALA B 94 -14.75 -4.15 9.59
CA ALA B 94 -14.84 -5.52 10.11
C ALA B 94 -14.88 -5.54 11.64
N GLN B 95 -14.09 -4.67 12.30
CA GLN B 95 -14.18 -4.58 13.76
C GLN B 95 -15.56 -4.12 14.22
N VAL B 96 -16.25 -3.26 13.46
CA VAL B 96 -17.62 -2.93 13.83
C VAL B 96 -18.48 -4.19 13.79
N TRP B 97 -18.34 -4.96 12.72
CA TRP B 97 -19.13 -6.16 12.57
C TRP B 97 -18.80 -7.16 13.66
N ASN B 98 -17.50 -7.40 13.87
CA ASN B 98 -17.04 -8.40 14.83
C ASN B 98 -17.57 -8.09 16.22
N HIS B 99 -17.51 -6.83 16.64
CA HIS B 99 -17.91 -6.53 18.00
C HIS B 99 -19.41 -6.68 18.19
N THR B 100 -20.20 -6.24 17.20
CA THR B 100 -21.65 -6.43 17.30
C THR B 100 -21.96 -7.91 17.43
N PHE B 101 -21.32 -8.74 16.61
CA PHE B 101 -21.48 -10.18 16.71
C PHE B 101 -21.10 -10.68 18.09
N PHE B 102 -19.99 -10.17 18.63
CA PHE B 102 -19.48 -10.61 19.93
C PHE B 102 -20.48 -10.33 21.05
N TRP B 103 -21.06 -9.13 21.09
CA TRP B 103 -22.01 -8.84 22.17
C TRP B 103 -23.16 -9.85 22.17
N ASN B 104 -23.60 -10.26 20.99
CA ASN B 104 -24.76 -11.12 20.86
C ASN B 104 -24.45 -12.59 21.07
N CYS B 105 -23.16 -12.96 21.02
CA CYS B 105 -22.69 -14.31 21.38
C CYS B 105 -22.73 -14.57 22.88
N MET B 106 -23.03 -13.57 23.69
CA MET B 106 -22.95 -13.69 25.15
C MET B 106 -24.29 -13.29 25.75
N LYS B 107 -24.51 -13.72 26.99
CA LYS B 107 -25.71 -13.35 27.73
C LYS B 107 -25.48 -13.61 29.21
N PRO B 108 -26.20 -12.91 30.09
CA PRO B 108 -26.21 -13.31 31.50
C PRO B 108 -26.74 -14.73 31.63
N GLN B 109 -26.17 -15.49 32.56
CA GLN B 109 -26.54 -16.89 32.74
C GLN B 109 -26.44 -17.63 31.41
N GLY B 110 -25.30 -17.46 30.76
CA GLY B 110 -24.94 -18.24 29.58
C GLY B 110 -24.17 -19.48 30.01
N GLY B 111 -23.41 -20.01 29.07
CA GLY B 111 -22.67 -21.22 29.35
C GLY B 111 -23.50 -22.45 29.08
N GLY B 112 -23.11 -23.56 29.70
CA GLY B 112 -23.79 -24.80 29.41
C GLY B 112 -23.43 -25.30 28.03
N GLN B 113 -24.39 -25.96 27.37
CA GLN B 113 -24.15 -26.62 26.10
C GLN B 113 -25.33 -26.37 25.18
N PRO B 114 -25.12 -26.40 23.88
CA PRO B 114 -26.25 -26.32 22.95
C PRO B 114 -27.05 -27.62 22.97
N THR B 115 -28.24 -27.54 22.40
CA THR B 115 -29.14 -28.68 22.31
C THR B 115 -29.50 -28.83 20.84
N GLY B 116 -30.22 -29.91 20.50
CA GLY B 116 -30.80 -30.00 19.17
C GLY B 116 -29.74 -30.06 18.09
N ASP B 117 -29.94 -29.25 17.05
CA ASP B 117 -29.16 -29.37 15.81
C ASP B 117 -27.70 -29.08 16.04
N LEU B 118 -27.39 -27.99 16.74
CA LEU B 118 -25.99 -27.61 16.91
C LEU B 118 -25.23 -28.63 17.78
N LYS B 119 -25.85 -29.07 18.87
CA LYS B 119 -25.27 -30.11 19.72
C LYS B 119 -24.95 -31.36 18.91
N ALA B 120 -25.89 -31.79 18.08
CA ALA B 120 -25.70 -33.02 17.31
C ALA B 120 -24.61 -32.83 16.26
N MET B 121 -24.55 -31.67 15.63
CA MET B 121 -23.47 -31.40 14.69
C MET B 121 -22.12 -31.31 15.38
N ILE B 122 -22.07 -30.76 16.59
CA ILE B 122 -20.83 -30.73 17.34
C ILE B 122 -20.42 -32.14 17.74
N ASP B 123 -21.40 -32.94 18.18
CA ASP B 123 -21.10 -34.32 18.58
C ASP B 123 -20.64 -35.16 17.39
N LYS B 124 -21.26 -34.95 16.23
CA LYS B 124 -20.84 -35.68 15.03
C LYS B 124 -19.48 -35.21 14.53
N THR B 125 -19.14 -33.93 14.72
CA THR B 125 -17.92 -33.39 14.13
C THR B 125 -16.71 -33.49 15.06
N PHE B 126 -16.89 -33.10 16.30
CA PHE B 126 -15.82 -33.16 17.27
C PHE B 126 -15.86 -34.41 18.12
N GLY B 127 -16.96 -35.17 18.06
CA GLY B 127 -17.16 -36.32 18.92
C GLY B 127 -17.84 -36.01 20.24
N SER B 128 -17.73 -34.76 20.71
CA SER B 128 -18.03 -34.38 22.07
C SER B 128 -18.13 -32.86 22.14
N TYR B 129 -18.96 -32.36 23.06
CA TYR B 129 -18.92 -30.94 23.37
C TYR B 129 -17.59 -30.57 23.99
N GLU B 130 -17.08 -31.43 24.88
CA GLU B 130 -15.81 -31.15 25.52
C GLU B 130 -14.68 -31.09 24.49
N ALA B 131 -14.81 -31.86 23.40
CA ALA B 131 -13.80 -31.80 22.34
C ALA B 131 -13.85 -30.46 21.62
N PHE B 132 -15.05 -29.95 21.36
CA PHE B 132 -15.18 -28.64 20.73
C PHE B 132 -14.60 -27.55 21.63
N ALA B 133 -14.96 -27.58 22.90
CA ALA B 133 -14.49 -26.55 23.81
C ALA B 133 -12.98 -26.60 23.95
N ALA B 134 -12.39 -27.79 23.91
CA ALA B 134 -10.95 -27.89 23.96
C ALA B 134 -10.31 -27.30 22.71
N ASP B 135 -10.90 -27.55 21.54
CA ASP B 135 -10.34 -27.02 20.29
C ASP B 135 -10.57 -25.52 20.19
N PHE B 136 -11.75 -25.07 20.58
CA PHE B 136 -12.04 -23.64 20.58
C PHE B 136 -11.07 -22.89 21.49
N LYS B 137 -10.82 -23.43 22.67
CA LYS B 137 -9.95 -22.74 23.61
C LYS B 137 -8.50 -22.76 23.12
N GLN B 138 -8.06 -23.87 22.51
CA GLN B 138 -6.74 -23.94 21.91
C GLN B 138 -6.55 -22.86 20.85
N ALA B 139 -7.52 -22.70 19.95
CA ALA B 139 -7.41 -21.67 18.91
C ALA B 139 -7.38 -20.28 19.51
N ALA B 140 -8.16 -20.08 20.58
CA ALA B 140 -8.23 -18.76 21.19
C ALA B 140 -6.91 -18.39 21.85
N ILE B 141 -6.28 -19.36 22.53
CA ILE B 141 -5.06 -19.04 23.24
C ILE B 141 -3.82 -19.13 22.36
N THR B 142 -3.89 -19.80 21.21
CA THR B 142 -2.74 -19.81 20.31
C THR B 142 -2.78 -18.72 19.25
N GLN B 143 -3.79 -17.87 19.23
CA GLN B 143 -3.79 -16.73 18.33
C GLN B 143 -2.77 -15.73 18.86
N PHE B 144 -1.68 -15.53 18.13
CA PHE B 144 -0.65 -14.63 18.61
C PHE B 144 -1.06 -13.18 18.35
N GLY B 145 -0.80 -12.33 19.34
CA GLY B 145 -1.26 -10.96 19.21
C GLY B 145 -2.77 -10.87 19.34
N SER B 146 -3.32 -9.82 18.72
CA SER B 146 -4.75 -9.55 18.72
C SER B 146 -5.47 -10.41 17.70
N GLY B 147 -6.73 -10.72 17.98
CA GLY B 147 -7.51 -11.48 17.03
C GLY B 147 -8.78 -12.05 17.62
N TRP B 148 -9.30 -13.08 16.96
CA TRP B 148 -10.63 -13.61 17.23
C TRP B 148 -10.60 -15.12 17.06
N ALA B 149 -11.33 -15.82 17.91
CA ALA B 149 -11.54 -17.26 17.78
C ALA B 149 -12.99 -17.51 17.40
N TRP B 150 -13.21 -18.39 16.44
CA TRP B 150 -14.55 -18.56 15.87
C TRP B 150 -14.92 -20.03 15.79
N LEU B 151 -16.22 -20.28 15.90
CA LEU B 151 -16.86 -21.50 15.39
C LEU B 151 -17.62 -21.09 14.14
N VAL B 152 -17.33 -21.76 13.03
CA VAL B 152 -17.93 -21.42 11.76
C VAL B 152 -18.53 -22.68 11.14
N VAL B 153 -19.33 -22.47 10.10
CA VAL B 153 -19.75 -23.54 9.21
C VAL B 153 -19.30 -23.13 7.81
N GLU B 154 -18.62 -24.04 7.14
CA GLU B 154 -18.02 -23.78 5.84
C GLU B 154 -18.32 -24.96 4.95
N ARG B 155 -19.18 -24.75 3.94
CA ARG B 155 -19.66 -25.80 3.06
C ARG B 155 -20.21 -26.97 3.88
N GLY B 156 -21.09 -26.63 4.82
CA GLY B 156 -21.80 -27.63 5.59
C GLY B 156 -21.02 -28.32 6.68
N VAL B 157 -19.80 -27.88 6.96
CA VAL B 157 -18.94 -28.54 7.95
C VAL B 157 -18.58 -27.54 9.05
N LEU B 158 -18.76 -27.96 10.30
CA LEU B 158 -18.29 -27.16 11.44
C LEU B 158 -16.78 -27.16 11.50
N ARG B 159 -16.19 -25.97 11.68
CA ARG B 159 -14.75 -25.85 11.91
C ARG B 159 -14.48 -24.81 13.00
N ILE B 160 -13.34 -24.95 13.66
CA ILE B 160 -12.80 -23.88 14.50
C ILE B 160 -11.90 -23.01 13.62
N MET B 161 -12.08 -21.69 13.72
CA MET B 161 -11.24 -20.74 13.00
C MET B 161 -10.63 -19.77 13.99
N LYS B 162 -9.41 -19.32 13.72
CA LYS B 162 -8.86 -18.17 14.44
C LYS B 162 -8.38 -17.16 13.42
N THR B 163 -8.56 -15.88 13.74
CA THR B 163 -8.23 -14.81 12.81
C THR B 163 -7.41 -13.75 13.52
N PRO B 164 -6.43 -13.17 12.82
CA PRO B 164 -5.68 -12.05 13.38
C PRO B 164 -6.40 -10.73 13.19
N ASN B 165 -6.22 -9.85 14.18
CA ASN B 165 -6.61 -8.45 14.12
C ASN B 165 -8.09 -8.28 13.83
N ALA B 166 -8.45 -7.82 12.63
CA ALA B 166 -9.86 -7.62 12.27
C ALA B 166 -10.41 -8.69 11.34
N ASP B 167 -9.61 -9.66 10.93
CA ASP B 167 -10.06 -10.68 10.00
C ASP B 167 -11.25 -11.44 10.57
N LEU B 168 -12.07 -12.02 9.70
CA LEU B 168 -13.35 -12.59 10.10
C LEU B 168 -13.76 -13.67 9.09
N PRO B 169 -14.68 -14.56 9.47
CA PRO B 169 -14.95 -15.74 8.61
C PRO B 169 -15.49 -15.41 7.24
N MET B 170 -16.33 -14.37 7.11
CA MET B 170 -17.08 -14.20 5.87
C MET B 170 -16.15 -13.92 4.68
N VAL B 171 -14.99 -13.29 4.91
CA VAL B 171 -14.12 -13.08 3.75
C VAL B 171 -13.37 -14.35 3.38
N HIS B 172 -13.45 -15.40 4.20
CA HIS B 172 -12.91 -16.71 3.87
C HIS B 172 -13.99 -17.72 3.48
N GLY B 173 -15.16 -17.24 3.05
CA GLY B 173 -16.19 -18.14 2.57
C GLY B 173 -16.85 -18.97 3.64
N ALA B 174 -16.85 -18.50 4.89
CA ALA B 174 -17.40 -19.25 6.00
C ALA B 174 -18.42 -18.39 6.73
N THR B 175 -19.35 -19.05 7.41
CA THR B 175 -20.42 -18.39 8.15
C THR B 175 -20.12 -18.49 9.64
N ALA B 176 -19.93 -17.34 10.27
CA ALA B 176 -19.66 -17.31 11.71
C ALA B 176 -20.88 -17.76 12.49
N LEU B 177 -20.68 -18.66 13.46
CA LEU B 177 -21.71 -19.04 14.43
C LEU B 177 -21.46 -18.47 15.81
N LEU B 178 -20.19 -18.27 16.17
CA LEU B 178 -19.79 -17.90 17.52
C LEU B 178 -18.43 -17.24 17.43
N THR B 179 -18.20 -16.20 18.23
CA THR B 179 -16.85 -15.63 18.35
C THR B 179 -16.55 -15.31 19.81
N CYS B 180 -15.25 -15.30 20.11
CA CYS B 180 -14.68 -14.77 21.34
C CYS B 180 -13.54 -13.81 20.96
N ASP B 181 -13.65 -12.55 21.39
CA ASP B 181 -12.61 -11.54 21.17
C ASP B 181 -11.38 -11.88 21.99
N VAL B 182 -10.21 -12.01 21.36
CA VAL B 182 -9.00 -12.18 22.17
C VAL B 182 -8.00 -11.04 21.95
N TRP B 183 -8.45 -9.90 21.45
CA TRP B 183 -7.72 -8.67 21.65
C TRP B 183 -7.56 -8.47 23.15
N GLU B 184 -6.41 -7.95 23.57
CA GLU B 184 -6.11 -7.87 24.99
C GLU B 184 -7.08 -6.93 25.70
N HIS B 185 -7.61 -5.90 25.02
CA HIS B 185 -8.60 -5.02 25.64
C HIS B 185 -9.89 -5.75 26.00
N ALA B 186 -10.19 -6.88 25.37
CA ALA B 186 -11.40 -7.64 25.73
C ALA B 186 -11.31 -8.22 27.14
N TYR B 187 -10.09 -8.49 27.66
CA TYR B 187 -9.96 -9.16 28.95
C TYR B 187 -8.90 -8.60 29.90
N TYR B 188 -8.06 -7.66 29.50
CA TYR B 188 -6.90 -7.34 30.34
C TYR B 188 -7.29 -6.74 31.68
N LEU B 189 -8.35 -5.94 31.74
CA LEU B 189 -8.71 -5.32 33.02
C LEU B 189 -9.18 -6.35 34.04
N ASP B 190 -9.71 -7.48 33.58
CA ASP B 190 -10.26 -8.49 34.47
C ASP B 190 -9.34 -9.69 34.66
N TYR B 191 -8.62 -10.08 33.61
CA TYR B 191 -7.82 -11.28 33.63
C TYR B 191 -6.34 -11.04 33.40
N GLN B 192 -5.95 -9.81 33.07
CA GLN B 192 -4.56 -9.45 32.75
C GLN B 192 -4.05 -10.46 31.72
N ASN B 193 -2.91 -11.11 31.94
CA ASN B 193 -2.33 -12.08 31.01
C ASN B 193 -3.12 -13.39 30.92
N ARG B 194 -4.05 -13.65 31.84
CA ARG B 194 -4.70 -14.97 31.91
C ARG B 194 -5.80 -15.12 30.85
N ARG B 195 -5.39 -14.98 29.58
CA ARG B 195 -6.31 -15.26 28.49
C ARG B 195 -6.95 -16.65 28.59
N PRO B 196 -6.24 -17.73 28.93
CA PRO B 196 -6.94 -19.03 29.06
C PRO B 196 -8.08 -19.02 30.07
N ASP B 197 -7.92 -18.33 31.21
CA ASP B 197 -9.01 -18.27 32.18
C ASP B 197 -10.21 -17.50 31.62
N TYR B 198 -9.94 -16.44 30.85
CA TYR B 198 -11.00 -15.62 30.26
C TYR B 198 -11.84 -16.44 29.28
N VAL B 199 -11.17 -17.18 28.40
CA VAL B 199 -11.89 -18.01 27.43
C VAL B 199 -12.66 -19.12 28.14
N ASP B 200 -12.08 -19.71 29.19
CA ASP B 200 -12.79 -20.73 29.95
C ASP B 200 -14.03 -20.14 30.60
N THR B 201 -13.91 -18.92 31.11
CA THR B 201 -15.06 -18.24 31.67
C THR B 201 -16.08 -17.88 30.60
N PHE B 202 -15.61 -17.56 29.39
CA PHE B 202 -16.53 -17.31 28.27
C PHE B 202 -17.37 -18.55 27.98
N LEU B 203 -16.73 -19.71 27.88
CA LEU B 203 -17.48 -20.91 27.54
C LEU B 203 -18.34 -21.38 28.72
N SER B 204 -17.84 -21.21 29.94
CA SER B 204 -18.50 -21.73 31.13
C SER B 204 -19.71 -20.91 31.53
N HIS B 205 -19.70 -19.60 31.31
CA HIS B 205 -20.72 -18.76 31.91
C HIS B 205 -21.34 -17.72 30.99
N LEU B 206 -20.81 -17.50 29.79
CA LEU B 206 -21.26 -16.37 28.99
C LEU B 206 -21.82 -16.74 27.63
N VAL B 207 -21.34 -17.80 27.00
CA VAL B 207 -21.73 -18.08 25.62
C VAL B 207 -23.24 -18.32 25.54
N ASN B 208 -23.84 -17.80 24.49
CA ASN B 208 -25.28 -17.86 24.24
C ASN B 208 -25.50 -18.86 23.11
N TRP B 209 -25.73 -20.13 23.48
CA TRP B 209 -25.82 -21.18 22.49
C TRP B 209 -27.05 -21.05 21.61
N ASP B 210 -28.10 -20.40 22.11
CA ASP B 210 -29.31 -20.19 21.31
C ASP B 210 -29.03 -19.32 20.09
N PHE B 211 -28.10 -18.36 20.24
CA PHE B 211 -27.68 -17.49 19.14
C PHE B 211 -26.97 -18.29 18.06
N ALA B 212 -25.98 -19.08 18.47
CA ALA B 212 -25.26 -19.93 17.53
C ALA B 212 -26.19 -20.95 16.86
N SER B 213 -27.13 -21.51 17.63
CA SER B 213 -28.05 -22.48 17.04
C SER B 213 -28.96 -21.82 16.03
N ALA B 214 -29.44 -20.61 16.32
CA ALA B 214 -30.22 -19.89 15.33
C ALA B 214 -29.41 -19.65 14.05
N LEU B 215 -28.15 -19.23 14.20
CA LEU B 215 -27.34 -18.91 13.02
C LEU B 215 -27.07 -20.14 12.17
N LEU B 216 -26.97 -21.32 12.79
CA LEU B 216 -26.76 -22.54 12.03
C LEU B 216 -27.92 -22.82 11.07
N ASN B 217 -29.13 -22.36 11.43
CA ASN B 217 -30.32 -22.54 10.61
C ASN B 217 -30.72 -21.26 9.87
N GLY B 218 -29.85 -20.25 9.85
CA GLY B 218 -30.17 -18.99 9.24
C GLY B 218 -29.76 -18.91 7.79
N MET C 21 30.10 6.37 -13.27
CA MET C 21 29.36 5.19 -13.73
C MET C 21 29.55 4.02 -12.78
N THR C 22 29.18 4.20 -11.52
CA THR C 22 29.26 3.11 -10.57
C THR C 22 28.10 2.12 -10.72
N HIS C 23 26.98 2.52 -11.32
CA HIS C 23 25.96 1.58 -11.78
C HIS C 23 26.08 1.40 -13.28
N THR C 24 25.88 0.17 -13.75
CA THR C 24 26.10 -0.18 -15.13
C THR C 24 24.85 -0.87 -15.67
N LEU C 25 24.66 -0.76 -16.97
CA LEU C 25 23.53 -1.40 -17.63
C LEU C 25 23.77 -2.90 -17.73
N PRO C 26 22.93 -3.75 -17.16
CA PRO C 26 23.11 -5.19 -17.31
C PRO C 26 22.83 -5.65 -18.73
N ASN C 27 23.56 -6.69 -19.14
CA ASN C 27 23.27 -7.38 -20.38
C ASN C 27 21.83 -7.89 -20.38
N LEU C 28 21.19 -7.85 -21.55
CA LEU C 28 19.98 -8.64 -21.71
C LEU C 28 20.33 -10.11 -21.49
N PRO C 29 19.42 -10.91 -20.95
CA PRO C 29 19.69 -12.35 -20.83
C PRO C 29 19.51 -13.13 -22.12
N TYR C 30 19.20 -12.43 -23.22
CA TYR C 30 19.01 -13.10 -24.53
C TYR C 30 19.41 -12.14 -25.66
N ASP C 31 19.45 -12.65 -26.90
CA ASP C 31 19.81 -11.83 -28.10
C ASP C 31 18.67 -10.83 -28.36
N ILE C 32 19.00 -9.66 -28.90
CA ILE C 32 17.95 -8.65 -29.11
C ILE C 32 16.83 -9.17 -29.99
N ALA C 33 17.05 -10.25 -30.75
CA ALA C 33 16.01 -10.80 -31.61
C ALA C 33 15.33 -12.01 -30.99
N ALA C 34 15.63 -12.35 -29.72
CA ALA C 34 15.18 -13.63 -29.18
C ALA C 34 13.67 -13.68 -28.96
N LEU C 35 13.02 -12.53 -28.77
CA LEU C 35 11.59 -12.54 -28.49
C LEU C 35 10.76 -12.31 -29.74
N GLU C 36 11.40 -12.25 -30.92
CA GLU C 36 10.67 -12.07 -32.16
C GLU C 36 9.66 -13.20 -32.35
N PRO C 37 8.48 -12.92 -32.92
CA PRO C 37 8.01 -11.59 -33.35
C PRO C 37 7.21 -10.91 -32.25
N HIS C 38 7.16 -11.55 -31.09
CA HIS C 38 6.29 -11.12 -30.02
C HIS C 38 6.70 -9.75 -29.50
N ILE C 39 8.00 -9.57 -29.25
CA ILE C 39 8.60 -8.27 -29.05
C ILE C 39 9.73 -8.16 -30.07
N SER C 40 9.80 -7.04 -30.79
CA SER C 40 10.70 -7.00 -31.92
C SER C 40 12.11 -6.63 -31.48
N ALA C 41 13.09 -6.93 -32.33
CA ALA C 41 14.46 -6.50 -32.07
C ALA C 41 14.58 -4.99 -32.05
N LYS C 42 13.78 -4.29 -32.86
CA LYS C 42 13.79 -2.84 -32.83
C LYS C 42 13.34 -2.33 -31.45
N THR C 43 12.21 -2.84 -30.96
CA THR C 43 11.76 -2.51 -29.61
C THR C 43 12.84 -2.79 -28.58
N LEU C 44 13.44 -3.99 -28.59
CA LEU C 44 14.42 -4.30 -27.56
C LEU C 44 15.63 -3.37 -27.66
N THR C 45 16.03 -3.03 -28.88
CA THR C 45 17.15 -2.11 -29.09
C THR C 45 16.90 -0.76 -28.41
N PHE C 46 15.74 -0.15 -28.65
CA PHE C 46 15.44 1.12 -27.98
C PHE C 46 15.14 0.93 -26.51
N HIS C 47 14.41 -0.13 -26.15
CA HIS C 47 13.95 -0.29 -24.78
C HIS C 47 15.13 -0.52 -23.84
N HIS C 48 16.00 -1.46 -24.18
CA HIS C 48 17.18 -1.74 -23.37
C HIS C 48 18.28 -0.73 -23.64
N GLY C 49 18.63 -0.53 -24.91
CA GLY C 49 19.79 0.28 -25.24
C GLY C 49 19.62 1.78 -25.06
N LYS C 50 18.38 2.28 -25.09
CA LYS C 50 18.13 3.69 -24.90
C LYS C 50 17.40 3.97 -23.58
N HIS C 51 16.24 3.37 -23.35
CA HIS C 51 15.49 3.70 -22.14
C HIS C 51 16.20 3.17 -20.89
N HIS C 52 16.46 1.86 -20.85
CA HIS C 52 17.11 1.30 -19.67
C HIS C 52 18.45 1.95 -19.42
N GLN C 53 19.21 2.20 -20.50
CA GLN C 53 20.51 2.86 -20.34
C GLN C 53 20.37 4.26 -19.73
N ALA C 54 19.37 5.03 -20.19
CA ALA C 54 19.21 6.40 -19.70
C ALA C 54 18.85 6.43 -18.22
N TYR C 55 18.04 5.46 -17.76
CA TYR C 55 17.73 5.40 -16.34
C TYR C 55 19.01 5.19 -15.52
N VAL C 56 19.91 4.38 -16.04
CA VAL C 56 21.18 4.10 -15.37
C VAL C 56 22.05 5.35 -15.34
N THR C 57 22.16 6.02 -16.48
CA THR C 57 23.02 7.18 -16.55
C THR C 57 22.45 8.34 -15.74
N ASN C 58 21.12 8.53 -15.79
CA ASN C 58 20.48 9.51 -14.93
C ASN C 58 20.75 9.22 -13.46
N LEU C 59 20.58 7.96 -13.04
CA LEU C 59 20.81 7.63 -11.64
C LEU C 59 22.24 7.95 -11.24
N ASN C 60 23.21 7.57 -12.07
CA ASN C 60 24.60 7.84 -11.76
C ASN C 60 24.85 9.33 -11.59
N ASN C 61 24.27 10.15 -12.47
CA ASN C 61 24.49 11.59 -12.39
C ASN C 61 23.76 12.22 -11.21
N LEU C 62 22.63 11.65 -10.79
CA LEU C 62 21.82 12.25 -9.73
C LEU C 62 22.35 11.96 -8.34
N ILE C 63 23.10 10.88 -8.16
CA ILE C 63 23.59 10.53 -6.83
C ILE C 63 25.06 10.88 -6.64
N GLN C 64 25.74 11.34 -7.69
CA GLN C 64 27.15 11.66 -7.58
C GLN C 64 27.39 12.76 -6.53
N ASN C 65 28.39 12.57 -5.69
CA ASN C 65 28.76 13.48 -4.60
C ASN C 65 27.66 13.62 -3.53
N THR C 66 26.72 12.67 -3.47
CA THR C 66 25.68 12.65 -2.43
C THR C 66 25.88 11.44 -1.53
N GLU C 67 25.15 11.44 -0.41
CA GLU C 67 25.19 10.30 0.50
C GLU C 67 24.65 9.02 -0.13
N LEU C 68 23.91 9.12 -1.23
CA LEU C 68 23.39 7.93 -1.90
C LEU C 68 24.41 7.26 -2.79
N ALA C 69 25.56 7.91 -3.04
CA ALA C 69 26.54 7.35 -3.95
C ALA C 69 27.16 6.06 -3.43
N ASN C 70 27.06 5.78 -2.14
CA ASN C 70 27.64 4.56 -1.59
C ASN C 70 26.59 3.51 -1.24
N LYS C 71 25.37 3.65 -1.73
CA LYS C 71 24.29 2.70 -1.43
C LYS C 71 24.02 1.80 -2.63
N THR C 72 23.41 0.64 -2.37
CA THR C 72 22.99 -0.19 -3.48
C THR C 72 21.74 0.40 -4.11
N LEU C 73 21.35 -0.13 -5.27
CA LEU C 73 20.12 0.31 -5.93
C LEU C 73 18.91 0.12 -5.03
N GLU C 74 18.79 -1.05 -4.42
CA GLU C 74 17.64 -1.31 -3.56
C GLU C 74 17.63 -0.38 -2.37
N GLU C 75 18.80 -0.08 -1.81
CA GLU C 75 18.89 0.87 -0.70
C GLU C 75 18.42 2.26 -1.14
N ILE C 76 18.76 2.65 -2.37
CA ILE C 76 18.38 3.97 -2.86
C ILE C 76 16.87 4.04 -3.11
N ILE C 77 16.30 2.98 -3.68
CA ILE C 77 14.87 2.93 -3.92
C ILE C 77 14.10 3.13 -2.62
N HIS C 78 14.49 2.39 -1.58
CA HIS C 78 13.80 2.50 -0.28
C HIS C 78 14.10 3.82 0.41
N ALA C 79 15.31 4.35 0.29
CA ALA C 79 15.63 5.59 0.98
C ALA C 79 14.90 6.79 0.37
N THR C 80 14.61 6.77 -0.93
CA THR C 80 13.98 7.91 -1.57
C THR C 80 12.50 7.69 -1.85
N ALA C 81 11.97 6.54 -1.46
CA ALA C 81 10.57 6.23 -1.70
C ALA C 81 9.63 7.22 -1.02
N LYS C 82 10.03 7.80 0.10
CA LYS C 82 9.10 8.71 0.78
C LYS C 82 9.24 10.16 0.29
N ASN C 83 10.47 10.65 0.16
CA ASN C 83 10.75 12.07 -0.05
C ASN C 83 10.38 12.54 -1.45
N PRO C 84 9.25 13.25 -1.61
CA PRO C 84 8.88 13.74 -2.94
C PRO C 84 9.93 14.67 -3.53
N GLU C 85 10.80 15.26 -2.70
CA GLU C 85 11.91 16.06 -3.19
C GLU C 85 12.95 15.19 -3.89
N LYS C 86 13.04 13.92 -3.51
CA LYS C 86 13.98 13.00 -4.13
C LYS C 86 13.32 12.14 -5.20
N ALA C 87 12.16 12.55 -5.70
CA ALA C 87 11.41 11.73 -6.65
C ALA C 87 12.20 11.49 -7.93
N GLY C 88 13.06 12.42 -8.33
CA GLY C 88 13.87 12.19 -9.52
C GLY C 88 14.82 11.02 -9.34
N ILE C 89 15.33 10.85 -8.13
CA ILE C 89 16.24 9.74 -7.87
C ILE C 89 15.47 8.44 -7.79
N PHE C 90 14.39 8.42 -7.00
CA PHE C 90 13.54 7.23 -6.93
C PHE C 90 13.09 6.79 -8.31
N ASN C 91 12.62 7.74 -9.14
CA ASN C 91 12.06 7.39 -10.44
C ASN C 91 13.09 6.69 -11.32
N ASN C 92 14.32 7.18 -11.33
CA ASN C 92 15.34 6.53 -12.16
C ASN C 92 15.84 5.25 -11.52
N ALA C 93 16.05 5.25 -10.20
CA ALA C 93 16.52 4.06 -9.50
C ALA C 93 15.55 2.90 -9.64
N ALA C 94 14.26 3.16 -9.41
CA ALA C 94 13.26 2.10 -9.52
C ALA C 94 13.12 1.61 -10.96
N GLN C 95 13.21 2.51 -11.94
CA GLN C 95 13.12 2.07 -13.33
C GLN C 95 14.30 1.18 -13.72
N VAL C 96 15.50 1.42 -13.16
CA VAL C 96 16.61 0.48 -13.41
C VAL C 96 16.24 -0.90 -12.87
N TRP C 97 15.74 -0.95 -11.64
CA TRP C 97 15.33 -2.22 -11.05
C TRP C 97 14.24 -2.88 -11.89
N ASN C 98 13.20 -2.11 -12.23
CA ASN C 98 12.03 -2.68 -12.89
C ASN C 98 12.39 -3.28 -14.24
N HIS C 99 13.27 -2.64 -14.99
CA HIS C 99 13.61 -3.14 -16.32
C HIS C 99 14.52 -4.36 -16.24
N THR C 100 15.46 -4.39 -15.30
CA THR C 100 16.26 -5.61 -15.14
C THR C 100 15.38 -6.78 -14.74
N PHE C 101 14.42 -6.54 -13.84
CA PHE C 101 13.47 -7.56 -13.46
C PHE C 101 12.65 -8.03 -14.66
N PHE C 102 12.18 -7.07 -15.47
CA PHE C 102 11.31 -7.35 -16.61
C PHE C 102 12.00 -8.21 -17.67
N TRP C 103 13.28 -7.93 -17.96
CA TRP C 103 13.98 -8.77 -18.95
C TRP C 103 14.07 -10.22 -18.47
N ASN C 104 14.27 -10.41 -17.18
CA ASN C 104 14.38 -11.76 -16.63
C ASN C 104 13.03 -12.44 -16.47
N CYS C 105 11.95 -11.67 -16.50
CA CYS C 105 10.59 -12.19 -16.52
C CYS C 105 10.23 -12.88 -17.82
N MET C 106 10.99 -12.64 -18.89
CA MET C 106 10.65 -13.21 -20.18
C MET C 106 11.71 -14.21 -20.63
N LYS C 107 11.32 -15.08 -21.55
CA LYS C 107 12.29 -15.93 -22.23
C LYS C 107 11.72 -16.30 -23.58
N PRO C 108 12.57 -16.55 -24.57
CA PRO C 108 12.07 -17.13 -25.82
C PRO C 108 11.37 -18.46 -25.54
N GLN C 109 10.28 -18.68 -26.28
CA GLN C 109 9.45 -19.87 -26.10
C GLN C 109 9.02 -20.04 -24.64
N GLY C 110 8.55 -18.93 -24.06
CA GLY C 110 7.95 -18.93 -22.75
C GLY C 110 6.45 -19.07 -22.84
N GLY C 111 5.76 -18.51 -21.85
CA GLY C 111 4.32 -18.57 -21.87
C GLY C 111 3.81 -19.87 -21.26
N GLY C 112 2.58 -20.20 -21.61
CA GLY C 112 2.02 -21.40 -21.06
C GLY C 112 1.64 -21.21 -19.60
N GLN C 113 1.59 -22.33 -18.89
CA GLN C 113 1.27 -22.26 -17.48
C GLN C 113 2.46 -22.71 -16.64
N PRO C 114 2.56 -22.28 -15.39
CA PRO C 114 3.64 -22.78 -14.52
C PRO C 114 3.27 -24.15 -13.96
N THR C 115 4.22 -24.74 -13.25
CA THR C 115 4.02 -26.05 -12.64
C THR C 115 4.31 -25.96 -11.15
N GLY C 116 4.06 -27.07 -10.45
CA GLY C 116 4.56 -27.22 -9.09
C GLY C 116 4.04 -26.17 -8.13
N ASP C 117 4.96 -25.59 -7.36
CA ASP C 117 4.56 -24.70 -6.26
C ASP C 117 3.74 -23.52 -6.77
N LEU C 118 4.27 -22.78 -7.74
CA LEU C 118 3.56 -21.59 -8.19
C LEU C 118 2.22 -21.96 -8.83
N LYS C 119 2.19 -23.02 -9.63
CA LYS C 119 0.94 -23.46 -10.22
C LYS C 119 -0.07 -23.77 -9.13
N ALA C 120 0.34 -24.52 -8.12
CA ALA C 120 -0.59 -24.90 -7.06
C ALA C 120 -1.05 -23.68 -6.27
N MET C 121 -0.13 -22.77 -5.94
CA MET C 121 -0.53 -21.58 -5.19
C MET C 121 -1.48 -20.72 -6.01
N ILE C 122 -1.29 -20.66 -7.33
CA ILE C 122 -2.19 -19.88 -8.17
C ILE C 122 -3.57 -20.52 -8.18
N ASP C 123 -3.63 -21.85 -8.29
CA ASP C 123 -4.92 -22.54 -8.27
C ASP C 123 -5.60 -22.38 -6.92
N LYS C 124 -4.82 -22.44 -5.83
CA LYS C 124 -5.38 -22.25 -4.51
C LYS C 124 -5.89 -20.83 -4.30
N THR C 125 -5.24 -19.85 -4.92
CA THR C 125 -5.56 -18.43 -4.71
C THR C 125 -6.62 -17.93 -5.69
N PHE C 126 -6.45 -18.20 -6.98
CA PHE C 126 -7.34 -17.68 -8.01
C PHE C 126 -8.37 -18.68 -8.48
N GLY C 127 -8.19 -19.96 -8.13
CA GLY C 127 -9.05 -21.02 -8.59
C GLY C 127 -8.55 -21.70 -9.84
N SER C 128 -7.84 -20.97 -10.70
CA SER C 128 -7.30 -21.52 -11.93
C SER C 128 -6.19 -20.60 -12.44
N TYR C 129 -5.42 -21.11 -13.39
CA TYR C 129 -4.49 -20.26 -14.12
C TYR C 129 -5.25 -19.23 -14.94
N GLU C 130 -6.33 -19.65 -15.61
CA GLU C 130 -7.10 -18.72 -16.43
C GLU C 130 -7.65 -17.58 -15.60
N ALA C 131 -8.05 -17.86 -14.36
CA ALA C 131 -8.51 -16.78 -13.49
C ALA C 131 -7.38 -15.79 -13.22
N PHE C 132 -6.20 -16.33 -12.91
CA PHE C 132 -5.02 -15.48 -12.73
C PHE C 132 -4.75 -14.66 -13.97
N ALA C 133 -4.72 -15.32 -15.14
CA ALA C 133 -4.38 -14.62 -16.38
C ALA C 133 -5.37 -13.50 -16.67
N ALA C 134 -6.66 -13.74 -16.42
CA ALA C 134 -7.66 -12.70 -16.65
C ALA C 134 -7.46 -11.52 -15.71
N ASP C 135 -7.14 -11.80 -14.44
CA ASP C 135 -6.87 -10.73 -13.48
C ASP C 135 -5.61 -9.97 -13.82
N PHE C 136 -4.57 -10.68 -14.27
CA PHE C 136 -3.34 -10.00 -14.65
C PHE C 136 -3.57 -9.09 -15.84
N LYS C 137 -4.27 -9.58 -16.86
CA LYS C 137 -4.48 -8.74 -18.03
C LYS C 137 -5.36 -7.54 -17.70
N GLN C 138 -6.33 -7.70 -16.79
CA GLN C 138 -7.16 -6.57 -16.40
C GLN C 138 -6.36 -5.49 -15.70
N ALA C 139 -5.50 -5.88 -14.75
CA ALA C 139 -4.64 -4.91 -14.08
C ALA C 139 -3.74 -4.21 -15.09
N ALA C 140 -3.14 -4.98 -16.00
CA ALA C 140 -2.29 -4.41 -17.04
C ALA C 140 -3.04 -3.43 -17.92
N ILE C 141 -4.28 -3.74 -18.28
CA ILE C 141 -5.01 -2.89 -19.21
C ILE C 141 -5.70 -1.73 -18.50
N THR C 142 -5.98 -1.84 -17.21
CA THR C 142 -6.61 -0.72 -16.52
C THR C 142 -5.61 0.21 -15.85
N GLN C 143 -4.31 -0.07 -15.90
CA GLN C 143 -3.31 0.86 -15.38
C GLN C 143 -3.26 2.07 -16.30
N PHE C 144 -3.83 3.18 -15.87
CA PHE C 144 -3.93 4.34 -16.75
C PHE C 144 -2.57 5.02 -16.88
N GLY C 145 -2.19 5.35 -18.11
CA GLY C 145 -0.88 5.98 -18.33
C GLY C 145 0.23 4.94 -18.32
N SER C 146 1.42 5.37 -17.84
CA SER C 146 2.58 4.48 -17.74
C SER C 146 2.58 3.69 -16.43
N GLY C 147 3.09 2.47 -16.48
CA GLY C 147 3.20 1.70 -15.25
C GLY C 147 3.53 0.25 -15.52
N TRP C 148 3.20 -0.58 -14.54
CA TRP C 148 3.67 -1.95 -14.47
C TRP C 148 2.57 -2.81 -13.88
N ALA C 149 2.37 -4.01 -14.44
CA ALA C 149 1.48 -4.99 -13.83
C ALA C 149 2.35 -6.07 -13.19
N TRP C 150 1.94 -6.54 -12.00
CA TRP C 150 2.77 -7.41 -11.20
C TRP C 150 1.98 -8.61 -10.69
N LEU C 151 2.66 -9.73 -10.56
CA LEU C 151 2.26 -10.79 -9.63
C LEU C 151 3.20 -10.73 -8.43
N VAL C 152 2.64 -10.61 -7.23
CA VAL C 152 3.46 -10.47 -6.04
C VAL C 152 3.04 -11.50 -5.01
N VAL C 153 3.88 -11.64 -3.99
CA VAL C 153 3.50 -12.35 -2.77
C VAL C 153 3.81 -11.45 -1.58
N GLU C 154 2.85 -11.39 -0.66
CA GLU C 154 2.86 -10.44 0.45
C GLU C 154 2.30 -11.17 1.67
N ARG C 155 3.14 -11.34 2.70
CA ARG C 155 2.77 -12.09 3.90
C ARG C 155 2.22 -13.47 3.52
N GLY C 156 2.81 -14.06 2.48
CA GLY C 156 2.46 -15.40 2.09
C GLY C 156 1.23 -15.55 1.22
N VAL C 157 0.64 -14.46 0.73
CA VAL C 157 -0.50 -14.56 -0.18
C VAL C 157 -0.14 -13.93 -1.52
N LEU C 158 -0.52 -14.60 -2.60
CA LEU C 158 -0.36 -14.05 -3.94
C LEU C 158 -1.37 -12.95 -4.19
N ARG C 159 -0.93 -11.87 -4.83
CA ARG C 159 -1.80 -10.76 -5.23
C ARG C 159 -1.37 -10.26 -6.60
N ILE C 160 -2.33 -9.77 -7.36
CA ILE C 160 -2.04 -8.95 -8.51
C ILE C 160 -1.89 -7.51 -8.03
N MET C 161 -0.94 -6.79 -8.61
CA MET C 161 -0.75 -5.37 -8.37
C MET C 161 -0.61 -4.67 -9.72
N LYS C 162 -1.07 -3.44 -9.79
CA LYS C 162 -0.66 -2.54 -10.86
C LYS C 162 -0.06 -1.29 -10.21
N THR C 163 1.05 -0.81 -10.75
CA THR C 163 1.67 0.41 -10.23
C THR C 163 1.83 1.46 -11.32
N PRO C 164 1.75 2.74 -10.95
CA PRO C 164 2.00 3.80 -11.94
C PRO C 164 3.48 4.13 -12.04
N ASN C 165 3.90 4.44 -13.25
CA ASN C 165 5.19 5.08 -13.51
C ASN C 165 6.33 4.17 -13.07
N ALA C 166 7.08 4.54 -12.02
CA ALA C 166 8.19 3.71 -11.55
C ALA C 166 7.87 2.93 -10.28
N ASP C 167 6.68 3.08 -9.73
CA ASP C 167 6.34 2.43 -8.49
C ASP C 167 6.45 0.92 -8.67
N LEU C 168 6.72 0.22 -7.58
CA LEU C 168 7.08 -1.19 -7.64
C LEU C 168 6.74 -1.83 -6.31
N PRO C 169 6.63 -3.16 -6.26
CA PRO C 169 6.06 -3.80 -5.06
C PRO C 169 6.90 -3.65 -3.79
N MET C 170 8.24 -3.63 -3.90
CA MET C 170 9.04 -3.73 -2.68
C MET C 170 8.76 -2.58 -1.72
N VAL C 171 8.41 -1.41 -2.24
CA VAL C 171 8.12 -0.29 -1.33
C VAL C 171 6.72 -0.37 -0.74
N HIS C 172 5.88 -1.28 -1.21
CA HIS C 172 4.61 -1.54 -0.57
C HIS C 172 4.67 -2.75 0.36
N GLY C 173 5.85 -3.30 0.60
CA GLY C 173 5.97 -4.44 1.48
C GLY C 173 5.68 -5.78 0.84
N ALA C 174 5.74 -5.87 -0.49
CA ALA C 174 5.47 -7.09 -1.24
C ALA C 174 6.70 -7.51 -2.05
N THR C 175 6.76 -8.80 -2.37
CA THR C 175 7.84 -9.39 -3.14
C THR C 175 7.34 -9.68 -4.56
N ALA C 176 8.04 -9.13 -5.55
CA ALA C 176 7.62 -9.28 -6.94
C ALA C 176 8.04 -10.65 -7.44
N LEU C 177 7.12 -11.29 -8.15
CA LEU C 177 7.35 -12.57 -8.81
C LEU C 177 7.46 -12.45 -10.32
N LEU C 178 6.81 -11.44 -10.89
CA LEU C 178 6.60 -11.32 -12.32
C LEU C 178 6.14 -9.90 -12.61
N THR C 179 6.55 -9.35 -13.76
CA THR C 179 6.05 -8.05 -14.15
C THR C 179 5.90 -7.96 -15.65
N CYS C 180 5.02 -7.05 -16.08
CA CYS C 180 4.86 -6.70 -17.49
C CYS C 180 4.86 -5.18 -17.57
N ASP C 181 5.88 -4.64 -18.25
CA ASP C 181 5.98 -3.20 -18.54
C ASP C 181 4.84 -2.74 -19.42
N VAL C 182 4.01 -1.82 -18.92
CA VAL C 182 2.98 -1.27 -19.80
C VAL C 182 3.19 0.23 -20.07
N TRP C 183 4.40 0.75 -19.84
CA TRP C 183 4.80 1.99 -20.50
C TRP C 183 4.65 1.79 -21.99
N GLU C 184 4.21 2.84 -22.69
CA GLU C 184 3.91 2.69 -24.11
C GLU C 184 5.15 2.39 -24.94
N HIS C 185 6.35 2.79 -24.46
CA HIS C 185 7.56 2.46 -25.18
C HIS C 185 7.81 0.96 -25.23
N ALA C 186 7.23 0.20 -24.30
CA ALA C 186 7.49 -1.24 -24.27
C ALA C 186 6.79 -1.95 -25.42
N TYR C 187 5.70 -1.40 -25.97
CA TYR C 187 4.94 -2.07 -27.02
C TYR C 187 4.60 -1.23 -28.24
N TYR C 188 4.86 0.08 -28.25
CA TYR C 188 4.20 0.91 -29.26
C TYR C 188 4.70 0.62 -30.67
N LEU C 189 5.98 0.31 -30.83
CA LEU C 189 6.47 0.02 -32.18
C LEU C 189 5.82 -1.23 -32.76
N ASP C 190 5.50 -2.19 -31.91
CA ASP C 190 4.99 -3.49 -32.36
C ASP C 190 3.48 -3.57 -32.35
N TYR C 191 2.83 -2.93 -31.37
CA TYR C 191 1.40 -3.06 -31.16
C TYR C 191 0.63 -1.76 -31.26
N GLN C 192 1.31 -0.61 -31.31
CA GLN C 192 0.65 0.71 -31.27
C GLN C 192 -0.28 0.73 -30.07
N ASN C 193 -1.57 1.08 -30.24
CA ASN C 193 -2.52 1.18 -29.14
C ASN C 193 -2.96 -0.17 -28.56
N ARG C 194 -2.63 -1.28 -29.21
CA ARG C 194 -3.18 -2.60 -28.81
C ARG C 194 -2.44 -3.19 -27.61
N ARG C 195 -2.48 -2.46 -26.50
CA ARG C 195 -1.92 -2.98 -25.26
C ARG C 195 -2.54 -4.30 -24.83
N PRO C 196 -3.86 -4.53 -24.95
CA PRO C 196 -4.39 -5.87 -24.62
C PRO C 196 -3.74 -6.98 -25.43
N ASP C 197 -3.52 -6.78 -26.72
CA ASP C 197 -2.87 -7.82 -27.51
C ASP C 197 -1.43 -8.04 -27.05
N TYR C 198 -0.74 -6.96 -26.67
CA TYR C 198 0.62 -7.08 -26.12
C TYR C 198 0.64 -7.93 -24.86
N VAL C 199 -0.22 -7.61 -23.89
CA VAL C 199 -0.24 -8.37 -22.63
C VAL C 199 -0.64 -9.82 -22.88
N ASP C 200 -1.60 -10.04 -23.79
CA ASP C 200 -1.98 -11.41 -24.09
C ASP C 200 -0.80 -12.20 -24.68
N THR C 201 -0.02 -11.56 -25.54
CA THR C 201 1.15 -12.22 -26.10
C THR C 201 2.22 -12.45 -25.05
N PHE C 202 2.41 -11.47 -24.16
CA PHE C 202 3.31 -11.67 -23.02
C PHE C 202 2.94 -12.94 -22.26
N LEU C 203 1.67 -13.07 -21.89
CA LEU C 203 1.21 -14.24 -21.15
C LEU C 203 1.32 -15.50 -21.98
N SER C 204 1.02 -15.40 -23.28
CA SER C 204 0.91 -16.61 -24.09
C SER C 204 2.25 -17.12 -24.56
N HIS C 205 3.25 -16.25 -24.71
CA HIS C 205 4.48 -16.69 -25.35
C HIS C 205 5.76 -16.28 -24.63
N LEU C 206 5.74 -15.33 -23.72
CA LEU C 206 6.99 -14.77 -23.22
C LEU C 206 7.28 -15.01 -21.75
N VAL C 207 6.26 -15.12 -20.89
CA VAL C 207 6.53 -15.18 -19.46
C VAL C 207 7.39 -16.38 -19.11
N ASN C 208 8.39 -16.15 -18.27
CA ASN C 208 9.29 -17.19 -17.77
C ASN C 208 8.78 -17.66 -16.42
N TRP C 209 8.06 -18.78 -16.41
CA TRP C 209 7.50 -19.25 -15.15
C TRP C 209 8.57 -19.84 -14.22
N ASP C 210 9.63 -20.42 -14.77
CA ASP C 210 10.75 -20.84 -13.93
C ASP C 210 11.28 -19.69 -13.07
N PHE C 211 11.32 -18.48 -13.64
CA PHE C 211 11.79 -17.31 -12.91
C PHE C 211 10.88 -17.01 -11.72
N ALA C 212 9.58 -16.83 -12.00
CA ALA C 212 8.64 -16.54 -10.93
C ALA C 212 8.64 -17.64 -9.87
N SER C 213 8.68 -18.91 -10.30
CA SER C 213 8.62 -20.02 -9.36
C SER C 213 9.82 -20.04 -8.44
N ALA C 214 11.01 -19.77 -8.97
CA ALA C 214 12.19 -19.68 -8.14
C ALA C 214 12.07 -18.55 -7.13
N LEU C 215 11.56 -17.38 -7.57
CA LEU C 215 11.42 -16.25 -6.67
C LEU C 215 10.41 -16.54 -5.56
N LEU C 216 9.38 -17.32 -5.86
CA LEU C 216 8.41 -17.70 -4.83
C LEU C 216 9.08 -18.46 -3.69
N ASN C 217 10.12 -19.24 -4.01
CA ASN C 217 10.85 -20.03 -3.03
C ASN C 217 12.11 -19.32 -2.53
N GLY C 218 12.13 -17.99 -2.57
CA GLY C 218 13.32 -17.25 -2.20
C GLY C 218 13.25 -16.63 -0.81
N MET D 21 -22.51 7.90 -29.69
CA MET D 21 -23.62 8.03 -28.76
C MET D 21 -23.76 9.46 -28.29
N THR D 22 -23.48 9.69 -27.00
CA THR D 22 -23.64 11.01 -26.41
C THR D 22 -22.57 11.97 -26.94
N HIS D 23 -21.31 11.54 -26.94
CA HIS D 23 -20.18 12.36 -27.35
C HIS D 23 -19.56 11.77 -28.60
N THR D 24 -19.06 12.65 -29.46
CA THR D 24 -18.56 12.23 -30.76
C THR D 24 -17.10 12.63 -30.91
N LEU D 25 -16.38 11.86 -31.71
CA LEU D 25 -14.99 12.20 -32.05
C LEU D 25 -14.95 13.34 -33.06
N PRO D 26 -14.38 14.49 -32.72
CA PRO D 26 -14.32 15.59 -33.69
C PRO D 26 -13.25 15.33 -34.74
N ASN D 27 -13.52 15.80 -35.96
CA ASN D 27 -12.53 15.66 -37.01
C ASN D 27 -11.25 16.40 -36.64
N LEU D 28 -10.12 15.86 -37.10
CA LEU D 28 -8.90 16.65 -37.12
C LEU D 28 -9.14 17.94 -37.91
N PRO D 29 -8.46 19.03 -37.56
CA PRO D 29 -8.55 20.25 -38.37
C PRO D 29 -7.65 20.27 -39.60
N TYR D 30 -7.02 19.15 -39.94
CA TYR D 30 -6.15 19.06 -41.11
C TYR D 30 -6.08 17.58 -41.48
N ASP D 31 -5.58 17.31 -42.70
CA ASP D 31 -5.40 15.93 -43.14
C ASP D 31 -4.39 15.22 -42.24
N ILE D 32 -4.53 13.89 -42.13
CA ILE D 32 -3.61 13.13 -41.29
C ILE D 32 -2.16 13.30 -41.73
N ALA D 33 -1.92 13.67 -42.99
CA ALA D 33 -0.58 13.86 -43.52
C ALA D 33 -0.12 15.31 -43.48
N ALA D 34 -0.92 16.23 -42.95
CA ALA D 34 -0.60 17.65 -43.04
C ALA D 34 0.57 18.07 -42.17
N LEU D 35 0.97 17.25 -41.19
CA LEU D 35 2.07 17.61 -40.30
C LEU D 35 3.37 16.94 -40.71
N GLU D 36 3.37 16.22 -41.83
CA GLU D 36 4.58 15.59 -42.31
C GLU D 36 5.61 16.65 -42.70
N PRO D 37 6.91 16.37 -42.49
CA PRO D 37 7.44 15.14 -41.92
C PRO D 37 7.62 15.21 -40.41
N HIS D 38 7.07 16.24 -39.78
CA HIS D 38 7.32 16.48 -38.36
C HIS D 38 6.56 15.48 -37.49
N ILE D 39 5.32 15.20 -37.84
CA ILE D 39 4.52 14.13 -37.26
C ILE D 39 3.95 13.32 -38.41
N SER D 40 4.12 12.00 -38.39
CA SER D 40 3.76 11.23 -39.57
C SER D 40 2.24 11.04 -39.67
N ALA D 41 1.79 10.74 -40.89
CA ALA D 41 0.39 10.35 -41.07
C ALA D 41 0.08 9.07 -40.29
N LYS D 42 1.05 8.17 -40.17
CA LYS D 42 0.87 6.98 -39.35
C LYS D 42 0.56 7.36 -37.90
N THR D 43 1.40 8.22 -37.31
CA THR D 43 1.16 8.63 -35.92
C THR D 43 -0.23 9.26 -35.76
N LEU D 44 -0.60 10.21 -36.62
CA LEU D 44 -1.90 10.86 -36.46
C LEU D 44 -3.04 9.87 -36.64
N THR D 45 -2.89 8.87 -37.52
CA THR D 45 -3.93 7.88 -37.71
C THR D 45 -4.22 7.11 -36.43
N PHE D 46 -3.16 6.68 -35.74
CA PHE D 46 -3.33 5.99 -34.47
C PHE D 46 -3.71 6.95 -33.36
N HIS D 47 -3.06 8.10 -33.31
CA HIS D 47 -3.27 9.03 -32.21
C HIS D 47 -4.68 9.58 -32.22
N HIS D 48 -5.16 10.02 -33.38
CA HIS D 48 -6.53 10.51 -33.46
C HIS D 48 -7.52 9.35 -33.61
N GLY D 49 -7.30 8.48 -34.60
CA GLY D 49 -8.30 7.48 -34.94
C GLY D 49 -8.43 6.33 -33.96
N LYS D 50 -7.41 6.07 -33.13
CA LYS D 50 -7.47 5.03 -32.14
C LYS D 50 -7.48 5.57 -30.71
N HIS D 51 -6.47 6.33 -30.30
CA HIS D 51 -6.43 6.78 -28.91
C HIS D 51 -7.56 7.77 -28.61
N HIS D 52 -7.68 8.85 -29.39
CA HIS D 52 -8.71 9.84 -29.14
C HIS D 52 -10.10 9.21 -29.25
N GLN D 53 -10.30 8.36 -30.25
CA GLN D 53 -11.57 7.65 -30.39
C GLN D 53 -11.87 6.80 -29.16
N ALA D 54 -10.86 6.11 -28.62
CA ALA D 54 -11.06 5.22 -27.48
C ALA D 54 -11.50 5.98 -26.24
N TYR D 55 -10.92 7.17 -26.01
CA TYR D 55 -11.35 7.96 -24.86
C TYR D 55 -12.82 8.36 -24.99
N VAL D 56 -13.25 8.67 -26.21
CA VAL D 56 -14.66 9.01 -26.46
C VAL D 56 -15.55 7.82 -26.18
N THR D 57 -15.20 6.65 -26.74
CA THR D 57 -16.03 5.47 -26.55
C THR D 57 -16.05 5.06 -25.08
N ASN D 58 -14.91 5.15 -24.39
CA ASN D 58 -14.89 4.81 -22.97
C ASN D 58 -15.80 5.74 -22.19
N LEU D 59 -15.63 7.05 -22.40
CA LEU D 59 -16.48 8.03 -21.75
C LEU D 59 -17.96 7.74 -21.96
N ASN D 60 -18.35 7.48 -23.22
CA ASN D 60 -19.76 7.22 -23.52
C ASN D 60 -20.27 6.00 -22.75
N ASN D 61 -19.45 4.95 -22.66
CA ASN D 61 -19.88 3.76 -21.96
C ASN D 61 -19.92 3.96 -20.46
N LEU D 62 -19.03 4.79 -19.91
CA LEU D 62 -18.92 4.95 -18.46
C LEU D 62 -20.00 5.83 -17.86
N ILE D 63 -20.51 6.81 -18.62
CA ILE D 63 -21.53 7.72 -18.09
C ILE D 63 -22.94 7.30 -18.42
N GLN D 64 -23.11 6.26 -19.25
CA GLN D 64 -24.43 5.79 -19.62
C GLN D 64 -25.26 5.44 -18.39
N ASN D 65 -26.51 5.90 -18.37
CA ASN D 65 -27.47 5.68 -17.28
C ASN D 65 -27.07 6.34 -15.98
N THR D 66 -26.15 7.31 -16.02
CA THR D 66 -25.78 8.03 -14.81
C THR D 66 -26.15 9.50 -14.96
N GLU D 67 -26.08 10.22 -13.84
CA GLU D 67 -26.27 11.67 -13.84
C GLU D 67 -25.31 12.37 -14.79
N LEU D 68 -24.12 11.81 -15.00
CA LEU D 68 -23.17 12.45 -15.91
C LEU D 68 -23.64 12.44 -17.36
N ALA D 69 -24.61 11.58 -17.70
CA ALA D 69 -25.04 11.49 -19.09
C ALA D 69 -25.62 12.81 -19.60
N ASN D 70 -26.05 13.71 -18.73
CA ASN D 70 -26.73 14.94 -19.12
C ASN D 70 -25.85 16.18 -19.12
N LYS D 71 -24.56 16.05 -18.83
CA LYS D 71 -23.67 17.20 -18.68
C LYS D 71 -22.73 17.31 -19.87
N THR D 72 -22.22 18.52 -20.08
CA THR D 72 -21.17 18.75 -21.06
C THR D 72 -19.87 18.10 -20.60
N LEU D 73 -18.95 17.92 -21.57
CA LEU D 73 -17.66 17.32 -21.25
C LEU D 73 -16.93 18.09 -20.15
N GLU D 74 -16.93 19.42 -20.25
CA GLU D 74 -16.26 20.22 -19.21
C GLU D 74 -16.91 20.00 -17.84
N GLU D 75 -18.25 19.91 -17.79
CA GLU D 75 -18.92 19.65 -16.53
C GLU D 75 -18.54 18.28 -15.98
N ILE D 76 -18.40 17.29 -16.85
CA ILE D 76 -18.07 15.95 -16.40
C ILE D 76 -16.67 15.94 -15.79
N ILE D 77 -15.74 16.63 -16.43
CA ILE D 77 -14.38 16.74 -15.94
C ILE D 77 -14.36 17.32 -14.53
N HIS D 78 -15.04 18.44 -14.33
CA HIS D 78 -15.06 19.02 -12.99
C HIS D 78 -15.86 18.18 -12.02
N ALA D 79 -16.91 17.49 -12.47
CA ALA D 79 -17.69 16.68 -11.54
C ALA D 79 -16.93 15.45 -11.06
N THR D 80 -15.94 14.97 -11.81
CA THR D 80 -15.21 13.79 -11.42
C THR D 80 -13.78 14.06 -10.99
N ALA D 81 -13.33 15.32 -11.05
CA ALA D 81 -11.93 15.60 -10.75
C ALA D 81 -11.62 15.44 -9.26
N LYS D 82 -12.61 15.59 -8.39
CA LYS D 82 -12.32 15.60 -6.95
C LYS D 82 -12.28 14.21 -6.32
N ASN D 83 -13.03 13.26 -6.84
CA ASN D 83 -13.27 11.98 -6.18
C ASN D 83 -12.48 10.84 -6.80
N PRO D 84 -11.51 10.25 -6.08
CA PRO D 84 -10.68 9.18 -6.68
C PRO D 84 -11.46 7.98 -7.20
N GLU D 85 -12.63 7.68 -6.65
CA GLU D 85 -13.39 6.54 -7.16
C GLU D 85 -13.94 6.80 -8.56
N LYS D 86 -13.98 8.05 -9.01
CA LYS D 86 -14.47 8.38 -10.34
C LYS D 86 -13.33 8.66 -11.31
N ALA D 87 -12.12 8.20 -10.98
CA ALA D 87 -10.96 8.56 -11.77
C ALA D 87 -11.04 7.99 -13.18
N GLY D 88 -11.63 6.80 -13.34
CA GLY D 88 -11.83 6.26 -14.68
C GLY D 88 -12.60 7.22 -15.58
N ILE D 89 -13.69 7.79 -15.05
CA ILE D 89 -14.47 8.72 -15.85
C ILE D 89 -13.66 9.98 -16.12
N PHE D 90 -13.04 10.53 -15.07
CA PHE D 90 -12.20 11.72 -15.24
C PHE D 90 -11.13 11.50 -16.30
N ASN D 91 -10.43 10.36 -16.22
CA ASN D 91 -9.29 10.10 -17.09
C ASN D 91 -9.69 10.14 -18.55
N ASN D 92 -10.81 9.50 -18.90
CA ASN D 92 -11.25 9.51 -20.30
C ASN D 92 -11.81 10.86 -20.70
N ALA D 93 -12.64 11.47 -19.84
CA ALA D 93 -13.22 12.79 -20.16
C ALA D 93 -12.13 13.83 -20.38
N ALA D 94 -11.16 13.89 -19.47
CA ALA D 94 -10.11 14.89 -19.61
C ALA D 94 -9.23 14.58 -20.81
N GLN D 95 -9.03 13.30 -21.15
CA GLN D 95 -8.25 12.99 -22.34
C GLN D 95 -8.99 13.35 -23.64
N VAL D 96 -10.33 13.31 -23.64
CA VAL D 96 -11.05 13.79 -24.82
C VAL D 96 -10.78 15.28 -24.99
N TRP D 97 -10.91 16.03 -23.90
CA TRP D 97 -10.66 17.48 -23.91
C TRP D 97 -9.22 17.79 -24.34
N ASN D 98 -8.26 17.12 -23.71
CA ASN D 98 -6.84 17.41 -23.94
C ASN D 98 -6.45 17.18 -25.41
N HIS D 99 -6.94 16.09 -26.00
CA HIS D 99 -6.53 15.82 -27.38
C HIS D 99 -7.16 16.82 -28.34
N THR D 100 -8.44 17.13 -28.15
CA THR D 100 -9.10 18.13 -28.99
C THR D 100 -8.35 19.45 -28.92
N PHE D 101 -8.02 19.89 -27.71
CA PHE D 101 -7.23 21.10 -27.52
C PHE D 101 -5.89 20.99 -28.24
N PHE D 102 -5.25 19.81 -28.15
CA PHE D 102 -3.91 19.60 -28.70
C PHE D 102 -3.87 19.69 -30.24
N TRP D 103 -4.88 19.15 -30.91
CA TRP D 103 -4.87 19.20 -32.38
C TRP D 103 -4.93 20.64 -32.86
N ASN D 104 -5.68 21.48 -32.14
CA ASN D 104 -5.80 22.89 -32.49
C ASN D 104 -4.58 23.71 -32.10
N CYS D 105 -3.74 23.18 -31.21
CA CYS D 105 -2.46 23.78 -30.87
C CYS D 105 -1.44 23.67 -31.99
N MET D 106 -1.69 22.85 -33.01
CA MET D 106 -0.74 22.65 -34.09
C MET D 106 -1.37 23.06 -35.41
N LYS D 107 -0.50 23.31 -36.40
CA LYS D 107 -0.94 23.54 -37.77
C LYS D 107 0.22 23.29 -38.70
N PRO D 108 -0.03 22.90 -39.94
CA PRO D 108 1.03 22.96 -40.96
C PRO D 108 1.59 24.37 -41.02
N GLN D 109 2.90 24.46 -41.24
CA GLN D 109 3.61 25.74 -41.24
C GLN D 109 3.31 26.50 -39.95
N GLY D 110 3.45 25.80 -38.83
CA GLY D 110 3.36 26.41 -37.53
C GLY D 110 4.71 26.91 -37.09
N GLY D 111 4.86 27.08 -35.79
CA GLY D 111 6.16 27.42 -35.28
C GLY D 111 6.34 28.92 -35.22
N GLY D 112 7.60 29.37 -35.28
CA GLY D 112 7.84 30.80 -35.19
C GLY D 112 7.57 31.31 -33.78
N GLN D 113 7.21 32.57 -33.69
CA GLN D 113 6.93 33.22 -32.41
C GLN D 113 5.56 33.85 -32.45
N PRO D 114 4.97 34.11 -31.29
CA PRO D 114 3.68 34.82 -31.26
C PRO D 114 3.89 36.29 -31.54
N THR D 115 2.79 36.96 -31.81
CA THR D 115 2.77 38.38 -32.09
C THR D 115 1.89 39.08 -31.05
N GLY D 116 2.02 40.39 -30.99
CA GLY D 116 1.06 41.21 -30.25
C GLY D 116 0.99 40.86 -28.78
N ASP D 117 -0.25 40.73 -28.28
CA ASP D 117 -0.53 40.60 -26.85
C ASP D 117 0.29 39.47 -26.23
N LEU D 118 0.23 38.29 -26.83
CA LEU D 118 0.89 37.13 -26.23
C LEU D 118 2.41 37.28 -26.28
N LYS D 119 2.96 37.80 -27.38
CA LYS D 119 4.39 38.04 -27.43
C LYS D 119 4.84 39.00 -26.33
N ALA D 120 4.08 40.08 -26.14
CA ALA D 120 4.46 41.05 -25.11
C ALA D 120 4.36 40.44 -23.72
N MET D 121 3.31 39.67 -23.44
CA MET D 121 3.19 39.07 -22.12
CA MET D 121 3.17 39.06 -22.13
C MET D 121 4.28 38.04 -21.87
N ILE D 122 4.74 37.35 -22.91
CA ILE D 122 5.81 36.38 -22.73
C ILE D 122 7.12 37.10 -22.43
N ASP D 123 7.36 38.23 -23.11
CA ASP D 123 8.55 39.03 -22.88
C ASP D 123 8.55 39.65 -21.48
N LYS D 124 7.38 40.06 -20.99
CA LYS D 124 7.29 40.60 -19.64
C LYS D 124 7.50 39.55 -18.57
N THR D 125 7.07 38.30 -18.84
CA THR D 125 7.09 37.25 -17.83
C THR D 125 8.38 36.44 -17.85
N PHE D 126 8.82 36.03 -19.03
CA PHE D 126 10.00 35.20 -19.19
C PHE D 126 11.24 35.99 -19.58
N GLY D 127 11.07 37.22 -20.06
CA GLY D 127 12.16 38.04 -20.56
C GLY D 127 12.35 37.94 -22.06
N SER D 128 11.99 36.81 -22.66
CA SER D 128 12.18 36.58 -24.08
C SER D 128 11.40 35.35 -24.48
N TYR D 129 11.16 35.23 -25.77
CA TYR D 129 10.57 34.01 -26.31
C TYR D 129 11.51 32.84 -26.07
N GLU D 130 12.82 33.06 -26.23
CA GLU D 130 13.77 31.98 -26.08
C GLU D 130 13.76 31.43 -24.65
N ALA D 131 13.58 32.29 -23.66
CA ALA D 131 13.44 31.82 -22.28
C ALA D 131 12.16 31.00 -22.10
N PHE D 132 11.05 31.46 -22.66
CA PHE D 132 9.81 30.66 -22.59
C PHE D 132 10.02 29.29 -23.20
N ALA D 133 10.62 29.23 -24.38
CA ALA D 133 10.77 27.96 -25.09
C ALA D 133 11.71 27.02 -24.33
N ALA D 134 12.77 27.56 -23.75
CA ALA D 134 13.62 26.74 -22.88
C ALA D 134 12.84 26.16 -21.70
N ASP D 135 11.95 26.97 -21.09
CA ASP D 135 11.20 26.49 -19.93
C ASP D 135 10.08 25.53 -20.33
N PHE D 136 9.45 25.77 -21.47
CA PHE D 136 8.43 24.84 -21.95
C PHE D 136 9.05 23.50 -22.31
N LYS D 137 10.19 23.53 -22.99
CA LYS D 137 10.94 22.32 -23.30
C LYS D 137 11.30 21.54 -22.04
N GLN D 138 11.78 22.23 -21.01
CA GLN D 138 12.27 21.49 -19.84
C GLN D 138 11.11 20.86 -19.07
N ALA D 139 9.99 21.57 -18.95
CA ALA D 139 8.80 20.97 -18.36
C ALA D 139 8.32 19.77 -19.16
N ALA D 140 8.31 19.89 -20.49
CA ALA D 140 7.87 18.76 -21.31
C ALA D 140 8.80 17.56 -21.14
N ILE D 141 10.09 17.83 -20.98
CA ILE D 141 11.08 16.75 -20.93
C ILE D 141 11.18 16.17 -19.52
N THR D 142 10.89 16.95 -18.48
CA THR D 142 10.99 16.46 -17.12
C THR D 142 9.67 15.91 -16.58
N GLN D 143 8.61 15.91 -17.39
CA GLN D 143 7.39 15.22 -17.02
C GLN D 143 7.66 13.72 -17.07
N PHE D 144 7.72 13.08 -15.91
CA PHE D 144 8.02 11.67 -15.86
C PHE D 144 6.78 10.84 -16.20
N GLY D 145 6.95 9.82 -17.03
CA GLY D 145 5.81 9.02 -17.46
C GLY D 145 4.99 9.79 -18.49
N SER D 146 3.70 9.43 -18.57
CA SER D 146 2.79 10.09 -19.50
C SER D 146 2.33 11.44 -18.94
N GLY D 147 2.07 12.38 -19.85
CA GLY D 147 1.44 13.62 -19.42
C GLY D 147 1.51 14.72 -20.48
N TRP D 148 1.37 15.95 -20.00
CA TRP D 148 1.19 17.12 -20.85
C TRP D 148 2.04 18.26 -20.33
N ALA D 149 2.53 19.08 -21.26
CA ALA D 149 3.21 20.33 -20.94
C ALA D 149 2.35 21.50 -21.41
N TRP D 150 2.16 22.50 -20.55
CA TRP D 150 1.17 23.55 -20.83
C TRP D 150 1.78 24.94 -20.70
N LEU D 151 1.27 25.85 -21.53
CA LEU D 151 1.35 27.28 -21.25
C LEU D 151 -0.03 27.72 -20.77
N VAL D 152 -0.09 28.29 -19.56
CA VAL D 152 -1.37 28.67 -18.99
C VAL D 152 -1.33 30.13 -18.57
N VAL D 153 -2.51 30.69 -18.34
CA VAL D 153 -2.63 31.96 -17.65
C VAL D 153 -3.42 31.71 -16.36
N GLU D 154 -2.89 32.22 -15.25
CA GLU D 154 -3.40 31.94 -13.93
C GLU D 154 -3.27 33.21 -13.10
N ARG D 155 -4.38 33.65 -12.50
CA ARG D 155 -4.38 34.84 -11.65
C ARG D 155 -3.72 36.02 -12.35
N GLY D 156 -3.93 36.11 -13.67
CA GLY D 156 -3.35 37.17 -14.48
C GLY D 156 -1.90 36.97 -14.88
N VAL D 157 -1.28 35.86 -14.52
CA VAL D 157 0.15 35.60 -14.78
C VAL D 157 0.27 34.44 -15.76
N LEU D 158 1.22 34.55 -16.69
CA LEU D 158 1.57 33.45 -17.59
C LEU D 158 2.47 32.46 -16.85
N ARG D 159 2.15 31.17 -16.93
CA ARG D 159 2.95 30.16 -16.26
C ARG D 159 3.06 28.91 -17.13
N ILE D 160 4.15 28.21 -16.95
CA ILE D 160 4.31 26.90 -17.57
C ILE D 160 3.87 25.87 -16.54
N MET D 161 3.15 24.86 -17.02
CA MET D 161 2.61 23.79 -16.18
C MET D 161 2.94 22.46 -16.84
N LYS D 162 3.31 21.46 -16.04
CA LYS D 162 3.32 20.08 -16.50
C LYS D 162 2.31 19.29 -15.69
N THR D 163 1.55 18.42 -16.36
CA THR D 163 0.58 17.58 -15.66
C THR D 163 0.82 16.12 -15.98
N PRO D 164 0.60 15.23 -15.02
CA PRO D 164 0.69 13.79 -15.29
C PRO D 164 -0.61 13.24 -15.87
N ASN D 165 -0.43 12.26 -16.75
CA ASN D 165 -1.53 11.44 -17.26
C ASN D 165 -2.62 12.30 -17.92
N ALA D 166 -3.82 12.38 -17.34
CA ALA D 166 -4.93 13.14 -17.92
C ALA D 166 -5.11 14.53 -17.30
N ASP D 167 -4.36 14.84 -16.25
CA ASP D 167 -4.58 16.08 -15.52
C ASP D 167 -4.42 17.27 -16.46
N LEU D 168 -5.06 18.39 -16.11
CA LEU D 168 -5.15 19.51 -17.03
C LEU D 168 -5.40 20.79 -16.23
N PRO D 169 -5.09 21.96 -16.81
CA PRO D 169 -5.08 23.21 -16.03
C PRO D 169 -6.42 23.58 -15.40
N MET D 170 -7.54 23.34 -16.08
CA MET D 170 -8.82 23.91 -15.66
C MET D 170 -9.24 23.43 -14.26
N VAL D 171 -8.94 22.17 -13.91
CA VAL D 171 -9.31 21.71 -12.57
C VAL D 171 -8.33 22.21 -11.51
N HIS D 172 -7.29 22.93 -11.91
CA HIS D 172 -6.42 23.60 -10.96
C HIS D 172 -6.66 25.10 -10.90
N GLY D 173 -7.62 25.60 -11.67
CA GLY D 173 -7.91 27.02 -11.66
C GLY D 173 -7.16 27.84 -12.67
N ALA D 174 -6.51 27.21 -13.64
CA ALA D 174 -5.75 27.92 -14.65
C ALA D 174 -6.43 27.76 -16.00
N THR D 175 -6.20 28.75 -16.88
CA THR D 175 -6.72 28.70 -18.24
C THR D 175 -5.60 28.24 -19.16
N ALA D 176 -5.83 27.15 -19.89
CA ALA D 176 -4.83 26.65 -20.82
C ALA D 176 -4.79 27.52 -22.08
N LEU D 177 -3.56 27.85 -22.51
CA LEU D 177 -3.32 28.56 -23.75
C LEU D 177 -2.69 27.69 -24.84
N LEU D 178 -1.98 26.63 -24.45
CA LEU D 178 -1.21 25.79 -25.37
C LEU D 178 -0.85 24.51 -24.62
N THR D 179 -0.73 23.42 -25.37
CA THR D 179 -0.28 22.16 -24.77
C THR D 179 0.52 21.37 -25.79
N CYS D 180 1.39 20.51 -25.27
CA CYS D 180 2.11 19.51 -26.04
C CYS D 180 1.92 18.17 -25.35
N ASP D 181 1.36 17.20 -26.07
CA ASP D 181 1.17 15.84 -25.58
C ASP D 181 2.53 15.16 -25.43
N VAL D 182 2.90 14.72 -24.21
CA VAL D 182 4.12 13.95 -24.07
C VAL D 182 3.86 12.51 -23.60
N TRP D 183 2.63 12.02 -23.72
CA TRP D 183 2.43 10.58 -23.74
C TRP D 183 3.30 10.01 -24.86
N GLU D 184 3.85 8.81 -24.63
CA GLU D 184 4.78 8.25 -25.61
C GLU D 184 4.09 7.94 -26.94
N HIS D 185 2.78 7.65 -26.93
CA HIS D 185 2.09 7.39 -28.19
C HIS D 185 2.08 8.62 -29.10
N ALA D 186 2.33 9.81 -28.54
CA ALA D 186 2.32 11.02 -29.36
C ALA D 186 3.52 11.09 -30.29
N TYR D 187 4.62 10.43 -29.94
CA TYR D 187 5.86 10.61 -30.68
C TYR D 187 6.67 9.34 -30.93
N TYR D 188 6.30 8.20 -30.34
CA TYR D 188 7.23 7.07 -30.34
C TYR D 188 7.46 6.49 -31.73
N LEU D 189 6.42 6.46 -32.57
CA LEU D 189 6.62 5.91 -33.90
C LEU D 189 7.61 6.74 -34.71
N ASP D 190 7.63 8.06 -34.51
CA ASP D 190 8.49 8.93 -35.29
C ASP D 190 9.81 9.26 -34.59
N TYR D 191 9.83 9.35 -33.27
CA TYR D 191 11.00 9.81 -32.53
C TYR D 191 11.54 8.78 -31.53
N GLN D 192 10.83 7.67 -31.32
CA GLN D 192 11.17 6.68 -30.29
C GLN D 192 11.45 7.42 -28.99
N ASN D 193 12.57 7.15 -28.31
CA ASN D 193 12.86 7.76 -27.01
C ASN D 193 13.18 9.25 -27.11
N ARG D 194 13.38 9.80 -28.31
CA ARG D 194 13.92 11.16 -28.44
C ARG D 194 12.83 12.21 -28.20
N ARG D 195 12.27 12.20 -26.99
CA ARG D 195 11.24 13.19 -26.68
C ARG D 195 11.74 14.63 -26.80
N PRO D 196 12.98 14.98 -26.45
CA PRO D 196 13.42 16.37 -26.67
C PRO D 196 13.38 16.79 -28.13
N ASP D 197 13.72 15.89 -29.07
CA ASP D 197 13.65 16.24 -30.48
C ASP D 197 12.21 16.50 -30.91
N TYR D 198 11.27 15.68 -30.43
CA TYR D 198 9.85 15.88 -30.75
C TYR D 198 9.35 17.22 -30.23
N VAL D 199 9.65 17.55 -28.98
CA VAL D 199 9.24 18.83 -28.39
C VAL D 199 9.88 19.99 -29.15
N ASP D 200 11.18 19.86 -29.48
CA ASP D 200 11.86 20.87 -30.28
C ASP D 200 11.16 21.07 -31.62
N THR D 201 10.72 19.97 -32.25
CA THR D 201 10.00 20.07 -33.51
C THR D 201 8.63 20.72 -33.30
N PHE D 202 7.97 20.43 -32.17
CA PHE D 202 6.70 21.06 -31.87
C PHE D 202 6.83 22.58 -31.84
N LEU D 203 7.83 23.08 -31.12
CA LEU D 203 8.03 24.52 -31.01
C LEU D 203 8.50 25.10 -32.33
N SER D 204 9.30 24.35 -33.09
CA SER D 204 9.96 24.89 -34.27
C SER D 204 9.04 24.92 -35.48
N HIS D 205 8.18 23.92 -35.64
CA HIS D 205 7.39 23.77 -36.87
C HIS D 205 5.90 23.55 -36.70
N LEU D 206 5.39 23.32 -35.49
CA LEU D 206 3.99 22.94 -35.38
C LEU D 206 3.12 23.88 -34.56
N VAL D 207 3.68 24.54 -33.54
CA VAL D 207 2.84 25.28 -32.60
C VAL D 207 2.04 26.37 -33.33
N ASN D 208 0.75 26.45 -33.01
CA ASN D 208 -0.20 27.39 -33.63
C ASN D 208 -0.34 28.59 -32.70
N TRP D 209 0.52 29.59 -32.89
CA TRP D 209 0.50 30.72 -31.97
C TRP D 209 -0.79 31.54 -32.10
N ASP D 210 -1.41 31.58 -33.28
CA ASP D 210 -2.68 32.27 -33.43
C ASP D 210 -3.73 31.72 -32.45
N PHE D 211 -3.71 30.40 -32.22
CA PHE D 211 -4.62 29.77 -31.26
C PHE D 211 -4.37 30.27 -29.85
N ALA D 212 -3.12 30.21 -29.39
CA ALA D 212 -2.83 30.64 -28.02
C ALA D 212 -3.12 32.13 -27.83
N SER D 213 -2.83 32.96 -28.85
CA SER D 213 -3.10 34.39 -28.71
C SER D 213 -4.59 34.68 -28.55
N ALA D 214 -5.43 33.99 -29.33
CA ALA D 214 -6.86 34.25 -29.21
C ALA D 214 -7.38 33.83 -27.85
N LEU D 215 -6.92 32.69 -27.33
CA LEU D 215 -7.37 32.24 -26.03
C LEU D 215 -6.96 33.19 -24.92
N LEU D 216 -5.78 33.81 -25.04
CA LEU D 216 -5.38 34.80 -24.04
C LEU D 216 -6.40 35.93 -23.93
N ASN D 217 -7.05 36.30 -25.03
CA ASN D 217 -8.08 37.34 -25.03
C ASN D 217 -9.49 36.79 -24.95
N GLY D 218 -9.64 35.51 -24.63
CA GLY D 218 -10.89 34.78 -24.83
C GLY D 218 -12.17 35.37 -24.26
#